data_1P2Z
#
_entry.id   1P2Z
#
_cell.length_a   150.540
_cell.length_b   150.540
_cell.length_c   150.540
_cell.angle_alpha   90.00
_cell.angle_beta   90.00
_cell.angle_gamma   90.00
#
_symmetry.space_group_name_H-M   'P 21 3'
#
loop_
_entity.id
_entity.type
_entity.pdbx_description
1 polymer 'Hexon protein'
2 non-polymer 'CITRIC ACID'
3 water water
#
_entity_poly.entity_id   1
_entity_poly.type   'polypeptide(L)'
_entity_poly.pdbx_seq_one_letter_code
;ATPSMMPQWSYMHISGQDASEYLSPGLVQFARATETYFSLNNKFRNPTVAPTHDVTTDRSQRLTLRFIPVDREDTAYSYK
ARFTLAVGDNRVLDMASTYFDIRGVLDRGPTFKPYSGTAYNALAPKGAPNSCEWEQTEDSGRAVAEDEEEEDEDEEEEEE
EQNARDQATKKTHVYAQAPLSGETITKSGLQIGSDNAETQAKPVYADPSYQPEPQIGESQWNEADANAAGGRVLKKTTPM
KPCYGSYARPTNPFGGQSVLVPDEKGVPLPKVDLQFFSNTTSLNDRQGNATKPKVVLYSEDVNMETPDTHLSYKPGKGDE
NSKAMLGQQSMPNRPNYIAFRDNFIGLMYYNSTGNMGVLAGQASQLNAVVDLQDRNTELSYQLLLDSIGDRTRYFSMWNQ
AVDSYDPDVRIIENHGTEDELPNYCFPLGGIGVTDTYQAIKANGNGSGDNGDTTWTKDETFATRNEIGVGNNFAMEINLN
ANLWRNFLYSNIALYLPDKLKYNPTNVEISDNPNTYDYMNKRVVAPGLVDCYINLGARWSLDYMDNVNPFNHHRNAGLRY
RSMLLGNGRYVPFHIQVPQKFFAIKNLLLLPGSYTYEWNFRKDVNMVLQSSLGNDLRVDGASIKFDSICLYATFFPMAHN
TASTLEAMLRNDTNDQSFNDYLSAANMLYPIPANATNVPISIPSRNWAAFRGWAFTRLKTKETPSLGSGYDPYYTYSGSI
PYLDGTFYLNHTFKKVAITFDSSVSWPGNDRLLTPNEFEIKRSVDGEGYNVAQCNMTKDWFLVQMLANYNIGYQGFYIPE
SYKDRMYSFFRNFQPMSRQVVDDTKYKEYQQVGILHQHNNSGFVGYLAPTMREGQAYPANVPYPLIGKTAVDSITQKKFL
CDRTLWRIPFSSNFMSMGALTDLGQNLLYANSAHALDMTFEVDPMDEPTLLYVLFEVFDVVRVHQPHRGVIETVYLRTPF
SAGNATT
;
_entity_poly.pdbx_strand_id   A
#
loop_
_chem_comp.id
_chem_comp.type
_chem_comp.name
_chem_comp.formula
CIT non-polymer 'CITRIC ACID' 'C6 H8 O7'
#
# COMPACT_ATOMS: atom_id res chain seq x y z
N MET A 5 -21.08 -44.95 -34.03
CA MET A 5 -20.79 -43.65 -34.69
C MET A 5 -19.36 -43.60 -35.21
N MET A 6 -18.61 -44.68 -34.96
CA MET A 6 -17.22 -44.77 -35.37
C MET A 6 -16.94 -44.41 -36.85
N PRO A 7 -17.76 -44.92 -37.78
CA PRO A 7 -17.56 -44.64 -39.22
C PRO A 7 -17.39 -43.16 -39.54
N GLN A 8 -18.45 -42.38 -39.36
CA GLN A 8 -18.41 -40.95 -39.66
C GLN A 8 -17.30 -40.24 -38.88
N TRP A 9 -17.10 -40.66 -37.63
CA TRP A 9 -16.07 -40.06 -36.78
C TRP A 9 -14.67 -40.17 -37.37
N SER A 10 -14.29 -41.36 -37.82
CA SER A 10 -12.98 -41.58 -38.42
C SER A 10 -12.82 -40.77 -39.71
N TYR A 11 -13.75 -41.00 -40.64
CA TYR A 11 -13.74 -40.33 -41.93
C TYR A 11 -13.62 -38.81 -41.78
N MET A 12 -14.34 -38.24 -40.81
CA MET A 12 -14.31 -36.80 -40.56
C MET A 12 -13.21 -36.41 -39.59
N HIS A 13 -12.40 -37.39 -39.19
CA HIS A 13 -11.28 -37.16 -38.28
C HIS A 13 -11.65 -36.59 -36.92
N ILE A 14 -12.85 -36.91 -36.44
CA ILE A 14 -13.33 -36.48 -35.14
C ILE A 14 -12.67 -37.45 -34.15
N SER A 15 -12.39 -38.64 -34.66
CA SER A 15 -11.76 -39.70 -33.89
C SER A 15 -10.73 -40.38 -34.79
N GLY A 16 -10.02 -41.37 -34.26
CA GLY A 16 -9.05 -42.08 -35.07
C GLY A 16 -7.62 -41.58 -35.02
N GLN A 17 -6.89 -41.81 -36.11
CA GLN A 17 -5.49 -41.41 -36.21
C GLN A 17 -5.28 -39.91 -36.44
N ASP A 18 -4.02 -39.49 -36.34
CA ASP A 18 -3.63 -38.10 -36.56
C ASP A 18 -3.07 -38.00 -37.97
N ALA A 19 -3.00 -36.78 -38.49
CA ALA A 19 -2.52 -36.55 -39.86
C ALA A 19 -1.23 -37.27 -40.22
N SER A 20 -0.29 -37.31 -39.29
CA SER A 20 0.99 -37.97 -39.54
C SER A 20 0.80 -39.47 -39.78
N GLU A 21 -0.38 -39.97 -39.46
CA GLU A 21 -0.70 -41.39 -39.61
C GLU A 21 -1.61 -41.69 -40.79
N TYR A 22 -2.57 -40.82 -41.06
CA TYR A 22 -3.49 -41.06 -42.15
C TYR A 22 -3.12 -40.41 -43.49
N LEU A 23 -2.19 -39.46 -43.46
CA LEU A 23 -1.76 -38.82 -44.70
C LEU A 23 -0.74 -39.74 -45.34
N SER A 24 -0.67 -39.77 -46.67
CA SER A 24 0.28 -40.64 -47.33
C SER A 24 1.69 -40.28 -46.86
N PRO A 25 2.55 -41.29 -46.67
CA PRO A 25 3.92 -41.05 -46.22
C PRO A 25 4.62 -39.97 -47.03
N GLY A 26 4.37 -39.97 -48.34
CA GLY A 26 4.96 -38.97 -49.21
C GLY A 26 4.61 -37.55 -48.79
N LEU A 27 3.32 -37.29 -48.59
CA LEU A 27 2.87 -35.96 -48.19
C LEU A 27 3.48 -35.55 -46.85
N VAL A 28 3.48 -36.47 -45.89
CA VAL A 28 4.05 -36.19 -44.58
C VAL A 28 5.52 -35.80 -44.72
N GLN A 29 6.20 -36.48 -45.64
CA GLN A 29 7.60 -36.22 -45.90
C GLN A 29 7.72 -34.80 -46.45
N PHE A 30 6.97 -34.52 -47.51
CA PHE A 30 6.98 -33.20 -48.14
C PHE A 30 6.61 -32.10 -47.14
N ALA A 31 5.63 -32.39 -46.29
CA ALA A 31 5.19 -31.42 -45.30
C ALA A 31 6.34 -30.97 -44.41
N ARG A 32 6.99 -31.92 -43.74
CA ARG A 32 8.10 -31.61 -42.86
C ARG A 32 9.16 -30.80 -43.60
N ALA A 33 9.55 -31.30 -44.77
CA ALA A 33 10.58 -30.67 -45.59
C ALA A 33 10.37 -29.18 -45.91
N THR A 34 9.12 -28.77 -46.15
CA THR A 34 8.84 -27.39 -46.50
C THR A 34 8.18 -26.58 -45.39
N GLU A 35 8.04 -27.19 -44.22
CA GLU A 35 7.41 -26.52 -43.08
C GLU A 35 7.89 -25.07 -42.90
N THR A 36 9.18 -24.84 -43.07
CA THR A 36 9.75 -23.50 -42.89
C THR A 36 9.26 -22.40 -43.82
N TYR A 37 9.09 -22.70 -45.11
CA TYR A 37 8.67 -21.68 -46.05
C TYR A 37 7.28 -21.81 -46.66
N PHE A 38 6.59 -22.90 -46.36
CA PHE A 38 5.23 -23.10 -46.86
C PHE A 38 4.53 -24.17 -46.01
N SER A 39 3.70 -23.72 -45.09
CA SER A 39 3.01 -24.62 -44.15
C SER A 39 1.72 -25.30 -44.62
N LEU A 40 1.55 -26.55 -44.21
CA LEU A 40 0.36 -27.34 -44.55
C LEU A 40 -0.30 -27.87 -43.28
N ASN A 41 0.21 -27.46 -42.11
CA ASN A 41 -0.30 -27.93 -40.83
C ASN A 41 -1.76 -27.69 -40.55
N ASN A 42 -2.22 -26.46 -40.79
CA ASN A 42 -3.61 -26.12 -40.51
C ASN A 42 -4.63 -26.66 -41.50
N LYS A 43 -4.18 -27.45 -42.47
CA LYS A 43 -5.10 -27.99 -43.48
C LYS A 43 -5.61 -29.38 -43.19
N PHE A 44 -5.05 -30.04 -42.19
CA PHE A 44 -5.44 -31.40 -41.85
C PHE A 44 -5.70 -31.47 -40.35
N ARG A 45 -6.86 -31.97 -39.94
CA ARG A 45 -7.17 -32.04 -38.52
C ARG A 45 -6.75 -33.30 -37.77
N ASN A 46 -6.32 -33.09 -36.54
CA ASN A 46 -5.85 -34.16 -35.66
C ASN A 46 -6.83 -34.27 -34.49
N PRO A 47 -7.64 -35.33 -34.48
CA PRO A 47 -8.60 -35.50 -33.40
C PRO A 47 -7.91 -35.66 -32.05
N THR A 48 -8.65 -35.35 -30.99
CA THR A 48 -8.15 -35.52 -29.63
C THR A 48 -9.33 -36.18 -28.95
N VAL A 49 -9.10 -37.33 -28.36
CA VAL A 49 -10.15 -38.09 -27.69
C VAL A 49 -9.86 -38.29 -26.22
N ALA A 50 -10.88 -38.06 -25.39
CA ALA A 50 -10.72 -38.24 -23.96
C ALA A 50 -10.77 -39.72 -23.60
N PRO A 51 -10.06 -40.11 -22.53
CA PRO A 51 -10.09 -41.52 -22.14
C PRO A 51 -11.48 -41.82 -21.61
N THR A 52 -11.97 -43.04 -21.81
CA THR A 52 -13.30 -43.38 -21.35
C THR A 52 -13.36 -44.34 -20.15
N HIS A 53 -12.21 -44.82 -19.70
CA HIS A 53 -12.19 -45.73 -18.55
C HIS A 53 -11.05 -45.49 -17.58
N ASP A 54 -11.31 -45.83 -16.31
CA ASP A 54 -10.32 -45.71 -15.24
C ASP A 54 -9.89 -44.30 -14.86
N VAL A 55 -10.69 -43.30 -15.19
CA VAL A 55 -10.34 -41.93 -14.85
C VAL A 55 -11.30 -41.41 -13.78
N THR A 56 -12.58 -41.37 -14.12
CA THR A 56 -13.62 -40.87 -13.21
C THR A 56 -14.54 -41.99 -12.74
N THR A 57 -15.14 -41.82 -11.57
CA THR A 57 -16.06 -42.81 -11.01
C THR A 57 -17.50 -42.55 -11.47
N ASP A 58 -18.27 -43.62 -11.64
CA ASP A 58 -19.66 -43.48 -12.07
C ASP A 58 -20.59 -43.57 -10.89
N ARG A 59 -20.01 -43.73 -9.70
CA ARG A 59 -20.81 -43.84 -8.49
C ARG A 59 -21.07 -42.47 -7.90
N SER A 60 -22.07 -42.40 -7.03
CA SER A 60 -22.43 -41.15 -6.37
C SER A 60 -21.25 -40.71 -5.49
N GLN A 61 -20.83 -39.46 -5.62
CA GLN A 61 -19.72 -38.96 -4.83
C GLN A 61 -19.66 -37.43 -4.93
N ARG A 62 -19.59 -36.77 -3.77
CA ARG A 62 -19.53 -35.32 -3.73
C ARG A 62 -18.15 -34.85 -4.12
N LEU A 63 -18.07 -33.70 -4.79
CA LEU A 63 -16.79 -33.16 -5.20
C LEU A 63 -16.20 -32.33 -4.06
N THR A 64 -17.08 -31.61 -3.36
CA THR A 64 -16.69 -30.75 -2.25
C THR A 64 -17.38 -31.14 -0.95
N LEU A 65 -16.59 -31.36 0.09
CA LEU A 65 -17.11 -31.71 1.40
C LEU A 65 -16.90 -30.53 2.33
N ARG A 66 -17.79 -30.38 3.30
CA ARG A 66 -17.73 -29.30 4.28
C ARG A 66 -17.72 -29.92 5.67
N PHE A 67 -16.71 -29.56 6.46
CA PHE A 67 -16.59 -30.08 7.81
C PHE A 67 -16.85 -29.02 8.87
N ILE A 68 -17.68 -29.37 9.83
CA ILE A 68 -18.02 -28.50 10.94
C ILE A 68 -17.02 -28.81 12.05
N PRO A 69 -16.62 -27.80 12.84
CA PRO A 69 -15.65 -28.04 13.92
C PRO A 69 -16.16 -29.05 14.95
N VAL A 70 -15.26 -29.89 15.42
CA VAL A 70 -15.60 -30.87 16.45
C VAL A 70 -15.50 -30.15 17.79
N ASP A 71 -14.58 -29.19 17.86
CA ASP A 71 -14.36 -28.39 19.06
C ASP A 71 -13.83 -27.01 18.67
N ARG A 72 -14.36 -25.97 19.30
CA ARG A 72 -13.92 -24.60 19.06
C ARG A 72 -13.59 -24.01 20.41
N GLU A 73 -12.60 -23.12 20.46
CA GLU A 73 -12.20 -22.53 21.72
C GLU A 73 -11.70 -21.11 21.54
N ASP A 74 -12.61 -20.14 21.61
CA ASP A 74 -12.25 -18.74 21.46
C ASP A 74 -11.72 -18.19 22.78
N THR A 75 -10.50 -17.66 22.78
CA THR A 75 -9.91 -17.10 23.99
C THR A 75 -9.68 -15.59 23.87
N ALA A 76 -8.88 -15.05 24.79
CA ALA A 76 -8.61 -13.62 24.83
C ALA A 76 -7.99 -13.02 23.57
N TYR A 77 -7.17 -13.79 22.86
CA TYR A 77 -6.53 -13.26 21.67
C TYR A 77 -6.33 -14.32 20.58
N SER A 78 -6.97 -15.47 20.72
CA SER A 78 -6.84 -16.51 19.72
C SER A 78 -8.10 -17.37 19.61
N TYR A 79 -8.30 -17.93 18.43
CA TYR A 79 -9.44 -18.79 18.13
C TYR A 79 -8.83 -20.14 17.79
N LYS A 80 -9.38 -21.20 18.38
CA LYS A 80 -8.88 -22.55 18.15
C LYS A 80 -9.99 -23.39 17.53
N ALA A 81 -9.74 -23.97 16.36
CA ALA A 81 -10.75 -24.79 15.70
C ALA A 81 -10.22 -26.19 15.41
N ARG A 82 -11.01 -27.20 15.77
CA ARG A 82 -10.61 -28.59 15.58
C ARG A 82 -11.56 -29.31 14.64
N PHE A 83 -11.00 -30.02 13.68
CA PHE A 83 -11.82 -30.75 12.72
C PHE A 83 -11.38 -32.20 12.59
N THR A 84 -12.32 -33.03 12.16
CA THR A 84 -12.04 -34.43 11.90
C THR A 84 -12.13 -34.50 10.39
N LEU A 85 -10.97 -34.51 9.76
CA LEU A 85 -10.87 -34.56 8.31
C LEU A 85 -10.98 -36.02 7.86
N ALA A 86 -12.12 -36.36 7.27
CA ALA A 86 -12.35 -37.71 6.82
C ALA A 86 -12.06 -37.91 5.34
N VAL A 87 -11.18 -38.86 5.03
CA VAL A 87 -10.84 -39.18 3.65
C VAL A 87 -11.36 -40.60 3.44
N GLY A 88 -12.53 -40.70 2.79
CA GLY A 88 -13.14 -41.99 2.56
C GLY A 88 -12.33 -42.96 1.71
N ASP A 89 -12.79 -44.21 1.68
CA ASP A 89 -12.12 -45.24 0.90
C ASP A 89 -12.18 -44.92 -0.58
N ASN A 90 -11.19 -45.38 -1.33
CA ASN A 90 -11.14 -45.17 -2.77
C ASN A 90 -11.13 -43.70 -3.12
N ARG A 91 -10.49 -42.90 -2.27
CA ARG A 91 -10.38 -41.47 -2.50
C ARG A 91 -9.00 -40.97 -2.07
N VAL A 92 -8.57 -39.87 -2.68
CA VAL A 92 -7.31 -39.26 -2.33
C VAL A 92 -7.57 -37.77 -2.20
N LEU A 93 -6.80 -37.09 -1.35
CA LEU A 93 -7.00 -35.66 -1.17
C LEU A 93 -5.71 -34.86 -1.28
N ASP A 94 -5.74 -33.85 -2.15
CA ASP A 94 -4.61 -32.97 -2.32
C ASP A 94 -4.90 -31.81 -1.36
N MET A 95 -4.12 -31.72 -0.28
CA MET A 95 -4.30 -30.68 0.73
C MET A 95 -4.34 -29.28 0.14
N ALA A 96 -3.79 -29.11 -1.06
CA ALA A 96 -3.79 -27.81 -1.72
C ALA A 96 -5.22 -27.36 -2.01
N SER A 97 -6.15 -28.31 -2.02
CA SER A 97 -7.54 -27.99 -2.30
C SER A 97 -8.39 -27.84 -1.04
N THR A 98 -7.75 -27.62 0.10
CA THR A 98 -8.49 -27.43 1.33
C THR A 98 -8.26 -25.99 1.78
N TYR A 99 -9.16 -25.48 2.59
CA TYR A 99 -9.03 -24.13 3.09
C TYR A 99 -10.04 -23.91 4.20
N PHE A 100 -9.76 -22.93 5.04
CA PHE A 100 -10.65 -22.60 6.15
C PHE A 100 -11.60 -21.51 5.69
N ASP A 101 -12.90 -21.78 5.81
CA ASP A 101 -13.92 -20.83 5.39
C ASP A 101 -14.39 -20.12 6.65
N ILE A 102 -14.09 -18.82 6.73
CA ILE A 102 -14.43 -18.03 7.92
C ILE A 102 -15.44 -16.91 7.72
N ARG A 103 -16.35 -16.79 8.69
CA ARG A 103 -17.33 -15.73 8.67
C ARG A 103 -17.26 -15.01 10.02
N GLY A 104 -17.40 -13.70 10.00
CA GLY A 104 -17.34 -12.95 11.24
C GLY A 104 -17.71 -11.52 10.98
N VAL A 105 -17.39 -10.66 11.94
CA VAL A 105 -17.69 -9.25 11.81
C VAL A 105 -16.46 -8.42 12.14
N LEU A 106 -16.27 -7.34 11.38
CA LEU A 106 -15.13 -6.48 11.58
C LEU A 106 -15.56 -5.02 11.68
N ASP A 107 -14.95 -4.31 12.62
CA ASP A 107 -15.22 -2.90 12.78
C ASP A 107 -13.84 -2.27 12.61
N ARG A 108 -13.64 -1.60 11.48
CA ARG A 108 -12.36 -0.98 11.20
C ARG A 108 -12.03 0.19 12.12
N GLY A 109 -13.04 0.69 12.83
CA GLY A 109 -12.80 1.79 13.75
C GLY A 109 -13.04 3.14 13.11
N PRO A 110 -12.95 4.22 13.90
CA PRO A 110 -13.17 5.58 13.39
C PRO A 110 -12.00 6.19 12.59
N THR A 111 -10.84 5.55 12.61
CA THR A 111 -9.69 6.09 11.89
C THR A 111 -9.64 5.58 10.44
N PHE A 112 -10.58 4.70 10.09
CA PHE A 112 -10.66 4.16 8.73
C PHE A 112 -11.21 5.24 7.80
N LYS A 113 -10.45 5.60 6.77
CA LYS A 113 -10.87 6.59 5.79
C LYS A 113 -10.37 6.15 4.40
N PRO A 114 -11.20 5.39 3.66
CA PRO A 114 -10.89 4.87 2.33
C PRO A 114 -10.85 5.90 1.20
N TYR A 115 -10.39 7.12 1.49
CA TYR A 115 -10.33 8.13 0.44
C TYR A 115 -9.66 9.43 0.85
N SER A 116 -9.25 10.19 -0.16
CA SER A 116 -8.63 11.49 0.05
C SER A 116 -9.72 12.52 -0.20
N GLY A 117 -9.56 13.69 0.40
CA GLY A 117 -10.54 14.73 0.22
C GLY A 117 -11.71 14.58 1.18
N THR A 118 -12.79 15.30 0.91
CA THR A 118 -13.98 15.25 1.75
C THR A 118 -15.18 14.86 0.89
N ALA A 119 -16.25 14.41 1.55
CA ALA A 119 -17.45 14.02 0.83
C ALA A 119 -18.45 15.15 0.93
N TYR A 120 -18.06 16.22 1.60
CA TYR A 120 -18.95 17.35 1.84
C TYR A 120 -18.48 18.73 1.37
N ASN A 121 -19.20 19.30 0.42
CA ASN A 121 -18.91 20.62 -0.14
C ASN A 121 -17.44 20.75 -0.54
N ALA A 122 -16.90 19.72 -1.19
CA ALA A 122 -15.51 19.73 -1.62
C ALA A 122 -15.13 20.94 -2.46
N LEU A 123 -16.10 21.50 -3.18
CA LEU A 123 -15.84 22.64 -4.06
C LEU A 123 -15.80 23.99 -3.38
N ALA A 124 -16.18 24.05 -2.11
CA ALA A 124 -16.19 25.31 -1.40
C ALA A 124 -14.80 25.76 -1.03
N PRO A 125 -14.54 27.08 -1.09
CA PRO A 125 -13.21 27.55 -0.71
C PRO A 125 -12.96 27.02 0.70
N LYS A 126 -11.74 26.57 0.97
CA LYS A 126 -11.45 25.98 2.27
C LYS A 126 -11.57 26.89 3.48
N GLY A 127 -11.83 28.17 3.26
CA GLY A 127 -11.96 29.09 4.37
C GLY A 127 -13.32 29.77 4.38
N ALA A 128 -14.18 29.41 3.43
CA ALA A 128 -15.49 30.00 3.32
C ALA A 128 -16.46 29.43 4.35
N PRO A 129 -17.19 30.30 5.05
CA PRO A 129 -18.13 29.83 6.05
C PRO A 129 -19.51 29.59 5.46
N ASN A 130 -20.43 29.12 6.30
CA ASN A 130 -21.82 28.87 5.91
C ASN A 130 -22.55 30.11 6.41
N SER A 131 -23.74 30.38 5.90
CA SER A 131 -24.49 31.53 6.40
C SER A 131 -24.70 31.25 7.88
N CYS A 132 -24.16 32.11 8.74
CA CYS A 132 -24.27 31.91 10.18
C CYS A 132 -24.45 33.21 10.97
N GLU A 133 -24.70 33.07 12.27
CA GLU A 133 -24.90 34.21 13.15
C GLU A 133 -24.13 34.02 14.45
N TRP A 134 -23.89 35.12 15.16
CA TRP A 134 -23.16 35.06 16.43
C TRP A 134 -23.42 36.28 17.30
N GLU A 135 -23.12 36.14 18.59
CA GLU A 135 -23.29 37.24 19.54
C GLU A 135 -21.97 37.99 19.65
N GLN A 136 -22.04 39.28 19.97
CA GLN A 136 -20.83 40.09 20.09
C GLN A 136 -21.03 41.20 21.13
N THR A 172 -26.43 40.36 18.25
CA THR A 172 -26.48 39.30 17.25
C THR A 172 -26.09 39.78 15.86
N HIS A 173 -24.99 39.25 15.33
CA HIS A 173 -24.51 39.60 14.00
C HIS A 173 -24.83 38.51 13.00
N VAL A 174 -24.77 38.87 11.72
CA VAL A 174 -25.07 37.92 10.66
C VAL A 174 -24.14 38.07 9.46
N TYR A 175 -23.89 36.95 8.80
CA TYR A 175 -23.09 36.92 7.58
C TYR A 175 -23.79 35.84 6.77
N ALA A 176 -24.56 36.26 5.77
CA ALA A 176 -25.31 35.27 5.01
C ALA A 176 -25.56 35.62 3.55
N GLN A 177 -26.21 34.70 2.86
CA GLN A 177 -26.54 34.84 1.45
C GLN A 177 -28.02 34.53 1.24
N ALA A 178 -28.68 35.33 0.41
CA ALA A 178 -30.10 35.11 0.10
C ALA A 178 -30.18 34.94 -1.41
N PRO A 179 -29.96 33.70 -1.90
CA PRO A 179 -30.00 33.37 -3.32
C PRO A 179 -31.36 33.21 -3.98
N LEU A 180 -32.41 33.02 -3.18
CA LEU A 180 -33.74 32.85 -3.77
C LEU A 180 -34.49 34.17 -3.92
N SER A 181 -34.78 34.53 -5.17
CA SER A 181 -35.49 35.76 -5.45
C SER A 181 -36.99 35.51 -5.30
N GLY A 182 -37.68 36.41 -4.60
CA GLY A 182 -39.11 36.25 -4.40
C GLY A 182 -39.96 37.36 -4.96
N GLU A 183 -41.27 37.18 -4.88
CA GLU A 183 -42.21 38.17 -5.38
C GLU A 183 -42.35 39.30 -4.36
N THR A 184 -42.59 38.93 -3.11
CA THR A 184 -42.74 39.89 -2.02
C THR A 184 -42.49 39.18 -0.69
N ILE A 185 -42.35 39.96 0.37
CA ILE A 185 -42.11 39.40 1.69
C ILE A 185 -43.08 40.00 2.71
N THR A 186 -43.74 39.15 3.47
CA THR A 186 -44.68 39.59 4.49
C THR A 186 -44.31 38.91 5.80
N LYS A 187 -45.13 39.09 6.82
CA LYS A 187 -44.85 38.47 8.12
C LYS A 187 -44.83 36.95 7.95
N SER A 188 -45.46 36.47 6.88
CA SER A 188 -45.53 35.03 6.60
C SER A 188 -44.28 34.49 5.89
N GLY A 189 -43.33 35.36 5.58
CA GLY A 189 -42.12 34.91 4.91
C GLY A 189 -42.00 35.34 3.45
N LEU A 190 -41.22 34.58 2.68
CA LEU A 190 -41.02 34.89 1.27
C LEU A 190 -42.13 34.33 0.39
N GLN A 191 -42.58 35.13 -0.57
CA GLN A 191 -43.64 34.73 -1.49
C GLN A 191 -43.03 34.02 -2.70
N ILE A 192 -43.09 32.69 -2.69
CA ILE A 192 -42.56 31.87 -3.77
C ILE A 192 -43.42 32.00 -5.01
N GLY A 193 -44.72 32.11 -4.80
CA GLY A 193 -45.66 32.23 -5.90
C GLY A 193 -47.05 31.75 -5.52
N PRO A 203 -51.12 32.87 -3.73
CA PRO A 203 -50.35 33.41 -2.60
C PRO A 203 -49.68 32.30 -1.79
N VAL A 204 -48.62 31.70 -2.37
CA VAL A 204 -47.91 30.62 -1.69
C VAL A 204 -46.56 31.11 -1.15
N TYR A 205 -46.31 30.82 0.12
CA TYR A 205 -45.06 31.22 0.75
C TYR A 205 -44.13 30.02 0.85
N ALA A 206 -42.87 30.28 1.18
CA ALA A 206 -41.89 29.22 1.30
C ALA A 206 -42.15 28.39 2.56
N ASP A 207 -42.13 27.06 2.40
CA ASP A 207 -42.33 26.16 3.52
C ASP A 207 -41.00 26.17 4.27
N PRO A 208 -40.96 26.86 5.43
CA PRO A 208 -39.76 26.97 6.26
C PRO A 208 -39.01 25.70 6.66
N SER A 209 -39.65 24.54 6.58
CA SER A 209 -38.96 23.32 6.95
C SER A 209 -37.90 22.92 5.93
N TYR A 210 -38.08 23.35 4.68
CA TYR A 210 -37.08 23.02 3.66
C TYR A 210 -36.90 24.09 2.59
N GLN A 211 -37.76 25.10 2.59
CA GLN A 211 -37.65 26.19 1.62
C GLN A 211 -37.33 27.50 2.34
N PRO A 212 -36.45 28.32 1.74
CA PRO A 212 -35.77 28.05 0.46
C PRO A 212 -34.70 26.98 0.55
N GLU A 213 -34.48 26.26 -0.55
CA GLU A 213 -33.47 25.21 -0.60
C GLU A 213 -32.14 25.84 -1.00
N PRO A 214 -31.14 25.74 -0.13
CA PRO A 214 -29.81 26.31 -0.37
C PRO A 214 -29.17 26.06 -1.73
N GLN A 215 -29.54 24.97 -2.40
CA GLN A 215 -28.94 24.68 -3.70
C GLN A 215 -29.66 25.30 -4.88
N ILE A 216 -30.66 26.13 -4.61
CA ILE A 216 -31.43 26.79 -5.67
C ILE A 216 -31.25 28.31 -5.63
N GLY A 217 -30.77 28.88 -6.72
CA GLY A 217 -30.58 30.32 -6.79
C GLY A 217 -31.12 30.88 -8.10
N GLU A 218 -30.46 31.89 -8.63
CA GLU A 218 -30.90 32.47 -9.89
C GLU A 218 -30.33 31.66 -11.05
N SER A 219 -31.08 31.59 -12.15
CA SER A 219 -30.69 30.81 -13.32
C SER A 219 -29.75 31.42 -14.35
N GLN A 220 -29.54 32.73 -14.29
CA GLN A 220 -28.65 33.38 -15.27
C GLN A 220 -27.59 34.21 -14.58
N TRP A 221 -26.51 34.50 -15.30
CA TRP A 221 -25.43 35.30 -14.74
C TRP A 221 -25.81 36.77 -14.70
N ASN A 222 -26.66 37.20 -15.62
CA ASN A 222 -27.08 38.59 -15.67
C ASN A 222 -28.45 38.82 -15.04
N GLU A 223 -28.56 38.56 -13.74
CA GLU A 223 -29.83 38.75 -13.06
C GLU A 223 -30.01 40.17 -12.55
N ALA A 224 -31.25 40.60 -12.49
CA ALA A 224 -31.57 41.93 -12.00
C ALA A 224 -31.67 41.82 -10.49
N ASP A 225 -31.09 42.78 -9.78
CA ASP A 225 -31.12 42.78 -8.31
C ASP A 225 -32.54 42.50 -7.85
N ALA A 226 -32.69 41.54 -6.93
CA ALA A 226 -34.00 41.17 -6.44
C ALA A 226 -34.58 42.18 -5.46
N ASN A 227 -35.87 42.50 -5.65
CA ASN A 227 -36.55 43.44 -4.76
C ASN A 227 -36.78 42.73 -3.43
N ALA A 228 -36.85 41.40 -3.48
CA ALA A 228 -37.08 40.58 -2.30
C ALA A 228 -36.35 39.24 -2.45
N ALA A 229 -35.54 38.89 -1.48
CA ALA A 229 -34.80 37.63 -1.53
C ALA A 229 -34.94 36.82 -0.25
N GLY A 230 -34.56 35.55 -0.34
CA GLY A 230 -34.64 34.68 0.82
C GLY A 230 -33.46 33.72 0.87
N GLY A 231 -33.25 33.10 2.02
CA GLY A 231 -32.15 32.17 2.18
C GLY A 231 -32.13 31.62 3.58
N ARG A 232 -31.35 30.56 3.80
CA ARG A 232 -31.25 29.96 5.10
C ARG A 232 -30.02 30.50 5.82
N VAL A 233 -29.99 30.31 7.14
CA VAL A 233 -28.87 30.78 7.95
C VAL A 233 -28.83 29.95 9.23
N LEU A 234 -27.62 29.73 9.73
CA LEU A 234 -27.43 28.96 10.95
C LEU A 234 -27.45 29.83 12.20
N LYS A 235 -28.31 29.45 13.17
CA LYS A 235 -28.44 30.18 14.43
C LYS A 235 -27.12 30.18 15.19
N LYS A 236 -26.96 31.18 16.06
CA LYS A 236 -25.76 31.31 16.87
C LYS A 236 -25.53 30.13 17.80
N THR A 237 -26.55 29.29 17.98
CA THR A 237 -26.43 28.13 18.85
C THR A 237 -25.80 26.92 18.16
N THR A 238 -25.53 27.05 16.87
CA THR A 238 -24.90 25.99 16.11
C THR A 238 -23.43 26.35 15.94
N PRO A 239 -22.53 25.44 16.30
CA PRO A 239 -21.10 25.76 16.16
C PRO A 239 -20.71 26.10 14.73
N MET A 240 -19.87 27.13 14.59
CA MET A 240 -19.41 27.56 13.27
C MET A 240 -18.33 26.62 12.75
N LYS A 241 -18.50 26.17 11.51
CA LYS A 241 -17.54 25.30 10.85
C LYS A 241 -17.43 25.76 9.40
N PRO A 242 -16.27 25.56 8.76
CA PRO A 242 -16.13 25.98 7.37
C PRO A 242 -17.06 25.17 6.47
N CYS A 243 -17.66 25.81 5.47
CA CYS A 243 -18.56 25.11 4.56
C CYS A 243 -17.92 23.80 4.08
N TYR A 244 -16.66 23.88 3.70
CA TYR A 244 -15.90 22.72 3.22
C TYR A 244 -15.80 21.67 4.32
N GLY A 245 -16.53 20.57 4.16
CA GLY A 245 -16.50 19.50 5.14
C GLY A 245 -17.72 19.52 6.03
N SER A 246 -18.53 20.56 5.90
CA SER A 246 -19.74 20.70 6.69
C SER A 246 -20.83 19.71 6.27
N TYR A 247 -21.41 19.05 7.27
CA TYR A 247 -22.49 18.09 7.03
C TYR A 247 -23.49 18.13 8.19
N ALA A 248 -24.76 17.96 7.86
CA ALA A 248 -25.83 17.92 8.83
C ALA A 248 -26.88 16.97 8.27
N ARG A 249 -27.11 15.87 8.95
CA ARG A 249 -28.09 14.89 8.47
C ARG A 249 -29.45 15.56 8.29
N PRO A 250 -30.21 15.14 7.28
CA PRO A 250 -31.54 15.73 7.04
C PRO A 250 -32.50 15.25 8.14
N THR A 251 -33.46 16.09 8.52
CA THR A 251 -34.42 15.72 9.55
C THR A 251 -35.84 15.57 9.03
N ASN A 252 -36.01 15.77 7.73
CA ASN A 252 -37.32 15.61 7.09
C ASN A 252 -37.08 15.14 5.67
N PRO A 253 -38.04 14.40 5.09
CA PRO A 253 -37.94 13.88 3.72
C PRO A 253 -37.69 14.88 2.60
N PHE A 254 -37.64 16.17 2.92
CA PHE A 254 -37.40 17.17 1.89
C PHE A 254 -35.99 17.77 1.97
N GLY A 255 -35.14 17.18 2.80
CA GLY A 255 -33.78 17.66 2.92
C GLY A 255 -33.54 18.67 4.02
N GLY A 256 -34.59 19.03 4.74
CA GLY A 256 -34.43 19.98 5.82
C GLY A 256 -33.50 19.36 6.85
N GLN A 257 -32.66 20.19 7.46
CA GLN A 257 -31.71 19.70 8.46
C GLN A 257 -31.95 20.29 9.84
N SER A 258 -33.01 21.08 9.97
CA SER A 258 -33.34 21.72 11.25
C SER A 258 -33.51 20.70 12.35
N VAL A 259 -33.02 21.05 13.54
CA VAL A 259 -33.12 20.18 14.72
C VAL A 259 -34.59 20.06 15.13
N LEU A 260 -35.05 18.83 15.29
CA LEU A 260 -36.44 18.57 15.67
C LEU A 260 -36.69 18.88 17.14
N VAL A 261 -37.95 19.15 17.48
CA VAL A 261 -38.31 19.48 18.86
C VAL A 261 -39.52 18.68 19.33
N LEU A 269 -42.02 19.93 15.16
CA LEU A 269 -40.68 19.75 15.70
C LEU A 269 -39.63 20.66 15.03
N PRO A 270 -39.71 20.84 13.70
CA PRO A 270 -38.74 21.70 13.00
C PRO A 270 -38.79 23.12 13.54
N LYS A 271 -37.71 23.59 14.15
CA LYS A 271 -37.69 24.95 14.70
C LYS A 271 -36.98 25.96 13.81
N VAL A 272 -37.73 26.54 12.89
CA VAL A 272 -37.20 27.53 11.95
C VAL A 272 -37.83 28.90 12.25
N ASP A 273 -37.00 29.86 12.65
CA ASP A 273 -37.49 31.20 12.97
C ASP A 273 -37.08 32.21 11.90
N LEU A 274 -38.05 32.99 11.42
CA LEU A 274 -37.80 33.99 10.39
C LEU A 274 -37.22 35.29 10.93
N GLN A 275 -36.25 35.83 10.21
CA GLN A 275 -35.61 37.08 10.58
C GLN A 275 -35.65 37.95 9.33
N PHE A 276 -36.21 39.15 9.47
CA PHE A 276 -36.31 40.07 8.33
C PHE A 276 -35.28 41.18 8.42
N PHE A 277 -34.83 41.65 7.27
CA PHE A 277 -33.84 42.72 7.21
C PHE A 277 -34.20 43.77 6.17
N SER A 278 -33.55 44.92 6.29
CA SER A 278 -33.78 46.04 5.39
C SER A 278 -32.54 46.92 5.47
N ASN A 279 -32.48 47.95 4.63
CA ASN A 279 -31.33 48.85 4.63
C ASN A 279 -31.52 50.01 5.61
N ALA A 290 -40.81 54.07 4.55
CA ALA A 290 -41.34 52.72 4.68
C ALA A 290 -40.24 51.69 4.85
N THR A 291 -40.09 51.18 6.08
CA THR A 291 -39.06 50.18 6.37
C THR A 291 -39.57 48.80 5.99
N LYS A 292 -39.76 48.57 4.69
CA LYS A 292 -40.23 47.29 4.20
C LYS A 292 -39.08 46.30 4.09
N PRO A 293 -39.33 45.02 4.43
CA PRO A 293 -38.31 43.98 4.37
C PRO A 293 -37.85 43.70 2.94
N LYS A 294 -36.55 43.55 2.74
CA LYS A 294 -36.00 43.28 1.42
C LYS A 294 -35.40 41.87 1.41
N VAL A 295 -35.01 41.41 2.59
CA VAL A 295 -34.41 40.08 2.75
C VAL A 295 -34.98 39.31 3.94
N VAL A 296 -35.14 38.00 3.78
CA VAL A 296 -35.65 37.14 4.85
C VAL A 296 -34.74 35.93 4.99
N LEU A 297 -34.35 35.61 6.21
CA LEU A 297 -33.49 34.47 6.46
C LEU A 297 -34.20 33.46 7.34
N TYR A 298 -34.32 32.22 6.86
CA TYR A 298 -34.96 31.17 7.65
C TYR A 298 -33.86 30.55 8.49
N SER A 299 -33.71 31.05 9.72
CA SER A 299 -32.67 30.56 10.62
C SER A 299 -33.08 29.26 11.30
N GLU A 300 -32.10 28.41 11.57
CA GLU A 300 -32.38 27.14 12.22
C GLU A 300 -31.09 26.58 12.81
N ASP A 301 -31.24 25.55 13.64
CA ASP A 301 -30.11 24.86 14.24
C ASP A 301 -30.03 23.53 13.48
N VAL A 302 -28.82 22.99 13.31
CA VAL A 302 -28.67 21.71 12.62
C VAL A 302 -27.65 20.88 13.37
N ASN A 303 -27.73 19.57 13.18
CA ASN A 303 -26.81 18.64 13.83
C ASN A 303 -25.46 18.70 13.11
N MET A 304 -24.77 19.83 13.24
CA MET A 304 -23.49 20.08 12.59
C MET A 304 -22.41 19.03 12.85
N GLU A 305 -21.79 18.56 11.77
CA GLU A 305 -20.71 17.58 11.85
C GLU A 305 -19.63 17.89 10.81
N THR A 306 -18.46 17.31 11.03
CA THR A 306 -17.33 17.43 10.12
C THR A 306 -16.59 16.10 10.29
N PRO A 307 -17.22 15.01 9.82
CA PRO A 307 -16.70 13.64 9.91
C PRO A 307 -15.38 13.31 9.21
N ASP A 308 -15.09 13.95 8.09
CA ASP A 308 -13.85 13.63 7.39
C ASP A 308 -12.85 14.77 7.22
N THR A 309 -13.00 15.84 8.00
CA THR A 309 -12.06 16.96 7.92
C THR A 309 -11.70 17.50 9.30
N HIS A 310 -10.63 18.28 9.36
CA HIS A 310 -10.20 18.91 10.60
C HIS A 310 -9.75 20.33 10.26
N LEU A 311 -9.65 21.19 11.26
CA LEU A 311 -9.26 22.58 11.04
C LEU A 311 -7.78 22.72 10.77
N SER A 312 -7.44 23.49 9.74
CA SER A 312 -6.05 23.73 9.40
C SER A 312 -5.70 25.09 9.98
N TYR A 313 -6.71 25.82 10.44
CA TYR A 313 -6.53 27.14 11.04
C TYR A 313 -7.72 27.55 11.90
N LYS A 314 -7.43 27.89 13.16
CA LYS A 314 -8.46 28.35 14.08
C LYS A 314 -7.95 29.65 14.70
N PRO A 315 -8.70 30.76 14.54
CA PRO A 315 -8.35 32.08 15.07
C PRO A 315 -7.75 32.07 16.48
N GLY A 316 -8.42 31.40 17.41
CA GLY A 316 -7.92 31.35 18.77
C GLY A 316 -8.37 30.13 19.54
N LYS A 317 -8.32 30.24 20.87
CA LYS A 317 -8.72 29.14 21.74
C LYS A 317 -10.20 29.21 22.05
N GLY A 318 -10.80 28.07 22.37
CA GLY A 318 -12.22 28.04 22.68
C GLY A 318 -13.06 28.10 21.43
N ASP A 319 -14.05 27.23 21.36
CA ASP A 319 -14.93 27.16 20.19
C ASP A 319 -16.20 28.00 20.36
N GLU A 320 -16.03 29.29 20.60
CA GLU A 320 -17.17 30.20 20.75
C GLU A 320 -17.34 30.94 19.44
N ASN A 321 -18.58 30.99 18.94
CA ASN A 321 -18.87 31.68 17.69
C ASN A 321 -18.46 33.15 17.75
N SER A 322 -17.83 33.64 16.70
CA SER A 322 -17.41 35.03 16.65
C SER A 322 -17.14 35.44 15.20
N LYS A 323 -16.85 36.71 14.97
CA LYS A 323 -16.57 37.20 13.62
C LYS A 323 -15.27 36.59 13.14
N ALA A 324 -14.34 36.37 14.06
CA ALA A 324 -13.04 35.80 13.72
C ALA A 324 -13.20 34.38 13.19
N MET A 325 -14.14 33.65 13.79
CA MET A 325 -14.40 32.28 13.40
C MET A 325 -14.87 32.14 11.95
N LEU A 326 -15.16 33.27 11.32
CA LEU A 326 -15.60 33.23 9.92
C LEU A 326 -14.43 32.82 9.04
N GLY A 327 -13.21 33.01 9.54
CA GLY A 327 -12.04 32.68 8.76
C GLY A 327 -11.39 31.33 9.03
N GLN A 328 -12.04 30.46 9.83
CA GLN A 328 -11.46 29.14 10.10
C GLN A 328 -11.23 28.46 8.75
N GLN A 329 -10.20 27.64 8.69
CA GLN A 329 -9.89 26.92 7.47
C GLN A 329 -9.97 25.43 7.73
N SER A 330 -10.65 24.73 6.84
CA SER A 330 -10.82 23.30 6.96
C SER A 330 -9.84 22.57 6.05
N MET A 331 -9.50 21.34 6.44
CA MET A 331 -8.58 20.53 5.68
C MET A 331 -9.04 19.07 5.74
N PRO A 332 -8.96 18.35 4.60
CA PRO A 332 -9.39 16.95 4.60
C PRO A 332 -8.49 16.07 5.46
N ASN A 333 -9.07 15.09 6.15
CA ASN A 333 -8.28 14.18 6.97
C ASN A 333 -7.46 13.27 6.06
N ARG A 334 -6.38 12.72 6.59
CA ARG A 334 -5.51 11.84 5.82
C ARG A 334 -6.20 10.53 5.49
N PRO A 335 -5.97 10.00 4.28
CA PRO A 335 -6.61 8.74 3.93
C PRO A 335 -6.02 7.62 4.80
N ASN A 336 -6.80 6.59 5.08
CA ASN A 336 -6.29 5.49 5.89
C ASN A 336 -7.03 4.21 5.52
N TYR A 337 -6.45 3.44 4.62
CA TYR A 337 -7.05 2.18 4.19
C TYR A 337 -6.75 1.12 5.25
N ILE A 338 -7.77 0.36 5.59
CA ILE A 338 -7.62 -0.71 6.57
C ILE A 338 -8.24 -1.97 5.98
N ALA A 339 -7.49 -3.07 6.03
CA ALA A 339 -7.96 -4.30 5.46
C ALA A 339 -7.13 -5.48 5.94
N PHE A 340 -7.48 -6.67 5.46
CA PHE A 340 -6.74 -7.87 5.80
C PHE A 340 -5.46 -7.80 4.96
N ARG A 341 -4.43 -8.50 5.40
CA ARG A 341 -3.16 -8.49 4.70
C ARG A 341 -3.12 -9.35 3.45
N ASP A 342 -2.09 -9.12 2.65
CA ASP A 342 -1.83 -9.86 1.42
C ASP A 342 -1.74 -11.32 1.81
N ASN A 343 -2.48 -12.17 1.09
CA ASN A 343 -2.50 -13.61 1.35
C ASN A 343 -2.91 -13.97 2.77
N PHE A 344 -3.74 -13.13 3.38
CA PHE A 344 -4.21 -13.37 4.73
C PHE A 344 -3.12 -13.67 5.75
N ILE A 345 -2.03 -12.91 5.63
CA ILE A 345 -0.89 -13.01 6.53
C ILE A 345 -1.30 -12.60 7.95
N GLY A 346 -0.82 -13.34 8.94
CA GLY A 346 -1.12 -13.01 10.33
C GLY A 346 -2.34 -13.71 10.90
N LEU A 347 -3.33 -14.01 10.06
CA LEU A 347 -4.54 -14.68 10.52
C LEU A 347 -4.26 -16.01 11.21
N MET A 348 -3.39 -16.83 10.62
CA MET A 348 -3.06 -18.14 11.19
C MET A 348 -1.69 -18.20 11.85
N TYR A 349 -1.64 -18.83 13.02
CA TYR A 349 -0.38 -18.98 13.75
C TYR A 349 0.54 -19.93 12.99
N TYR A 350 1.78 -19.50 12.82
CA TYR A 350 2.78 -20.30 12.15
C TYR A 350 4.09 -20.12 12.92
N ASN A 351 4.93 -21.14 12.92
CA ASN A 351 6.22 -21.06 13.58
C ASN A 351 6.17 -20.54 15.02
N SER A 352 5.07 -20.80 15.71
CA SER A 352 4.88 -20.39 17.11
C SER A 352 4.58 -21.62 17.96
N THR A 353 5.56 -22.06 18.75
CA THR A 353 5.42 -23.27 19.58
C THR A 353 4.18 -23.37 20.46
N GLY A 354 3.83 -22.29 21.15
CA GLY A 354 2.66 -22.35 22.02
C GLY A 354 1.34 -22.43 21.28
N ASN A 355 1.38 -22.22 19.97
CA ASN A 355 0.17 -22.25 19.15
C ASN A 355 0.39 -23.07 17.89
N MET A 356 0.92 -24.27 18.05
CA MET A 356 1.20 -25.12 16.90
C MET A 356 -0.03 -25.78 16.29
N GLY A 357 0.01 -25.98 14.98
CA GLY A 357 -1.10 -26.60 14.27
C GLY A 357 -1.01 -28.10 14.46
N VAL A 358 -2.11 -28.80 14.18
CA VAL A 358 -2.14 -30.23 14.34
C VAL A 358 -2.73 -30.97 13.14
N LEU A 359 -2.02 -31.99 12.70
CA LEU A 359 -2.47 -32.86 11.62
C LEU A 359 -2.03 -34.24 12.06
N ALA A 360 -2.98 -35.03 12.54
CA ALA A 360 -2.65 -36.36 13.01
C ALA A 360 -3.70 -37.38 12.62
N GLY A 361 -3.24 -38.60 12.37
CA GLY A 361 -4.15 -39.66 12.02
C GLY A 361 -4.87 -40.00 13.32
N GLN A 362 -6.18 -40.19 13.24
CA GLN A 362 -6.95 -40.52 14.43
C GLN A 362 -6.41 -41.82 15.05
N ALA A 363 -5.58 -42.53 14.29
CA ALA A 363 -5.01 -43.79 14.76
C ALA A 363 -3.54 -43.69 15.14
N SER A 364 -2.81 -42.80 14.46
CA SER A 364 -1.39 -42.62 14.73
C SER A 364 -1.14 -41.72 15.94
N GLN A 365 -2.12 -40.88 16.26
CA GLN A 365 -2.01 -39.98 17.40
C GLN A 365 -0.90 -38.92 17.28
N LEU A 366 0.26 -39.31 16.73
CA LEU A 366 1.39 -38.38 16.55
C LEU A 366 1.02 -37.23 15.62
N ASN A 367 1.51 -36.04 15.96
CA ASN A 367 1.25 -34.85 15.16
C ASN A 367 2.27 -34.82 14.01
N ALA A 368 1.78 -34.70 12.78
CA ALA A 368 2.65 -34.66 11.61
C ALA A 368 3.24 -33.27 11.46
N VAL A 369 2.66 -32.31 12.16
CA VAL A 369 3.15 -30.94 12.09
C VAL A 369 4.15 -30.67 13.19
N VAL A 370 5.38 -30.36 12.80
CA VAL A 370 6.45 -30.03 13.74
C VAL A 370 7.01 -28.69 13.29
N ASP A 371 6.77 -27.63 14.06
CA ASP A 371 7.24 -26.31 13.66
C ASP A 371 8.36 -25.77 14.55
N LEU A 372 8.93 -24.63 14.15
CA LEU A 372 10.01 -23.99 14.87
C LEU A 372 9.83 -22.48 14.81
N GLN A 373 10.12 -21.79 15.91
CA GLN A 373 9.99 -20.32 15.98
C GLN A 373 11.06 -19.75 15.06
N ASP A 374 11.94 -20.66 14.69
CA ASP A 374 13.11 -20.44 13.85
C ASP A 374 12.78 -20.36 12.35
N ARG A 375 11.63 -20.90 11.98
CA ARG A 375 11.20 -20.92 10.59
C ARG A 375 10.27 -19.74 10.27
N ASN A 376 10.23 -19.32 9.01
CA ASN A 376 9.38 -18.21 8.59
C ASN A 376 8.47 -18.67 7.45
N THR A 377 7.32 -19.20 7.81
CA THR A 377 6.37 -19.72 6.84
C THR A 377 5.66 -18.67 5.97
N GLU A 378 5.38 -17.50 6.53
CA GLU A 378 4.69 -16.46 5.76
C GLU A 378 5.57 -15.89 4.65
N LEU A 379 6.79 -15.48 5.00
CA LEU A 379 7.72 -14.95 4.01
C LEU A 379 8.03 -16.04 2.98
N SER A 380 8.14 -17.28 3.45
CA SER A 380 8.44 -18.39 2.56
C SER A 380 7.36 -18.48 1.47
N TYR A 381 6.11 -18.35 1.88
CA TYR A 381 4.97 -18.41 0.95
C TYR A 381 5.03 -17.22 -0.01
N GLN A 382 5.30 -16.03 0.53
CA GLN A 382 5.39 -14.82 -0.28
C GLN A 382 6.34 -15.00 -1.46
N LEU A 383 7.53 -15.54 -1.17
CA LEU A 383 8.53 -15.75 -2.21
C LEU A 383 8.22 -16.93 -3.11
N LEU A 384 7.58 -17.97 -2.57
CA LEU A 384 7.22 -19.13 -3.38
C LEU A 384 6.25 -18.65 -4.44
N LEU A 385 5.22 -17.93 -4.00
CA LEU A 385 4.21 -17.39 -4.90
C LEU A 385 4.80 -16.60 -6.07
N ASP A 386 5.76 -15.72 -5.80
CA ASP A 386 6.35 -14.93 -6.85
C ASP A 386 7.24 -15.74 -7.78
N SER A 387 7.67 -16.91 -7.35
CA SER A 387 8.54 -17.72 -8.20
C SER A 387 7.76 -18.52 -9.23
N ILE A 388 6.51 -18.82 -8.94
CA ILE A 388 5.70 -19.61 -9.85
C ILE A 388 4.58 -18.83 -10.55
N GLY A 389 4.51 -17.53 -10.33
CA GLY A 389 3.47 -16.75 -10.98
C GLY A 389 3.74 -15.26 -11.06
N ASP A 390 2.82 -14.55 -11.71
CA ASP A 390 2.94 -13.09 -11.86
C ASP A 390 2.15 -12.39 -10.74
N ARG A 391 2.87 -11.86 -9.77
CA ARG A 391 2.25 -11.21 -8.62
C ARG A 391 1.64 -9.83 -8.84
N THR A 392 1.55 -9.41 -10.09
CA THR A 392 0.94 -8.12 -10.38
C THR A 392 -0.57 -8.33 -10.50
N ARG A 393 -0.98 -9.56 -10.78
CA ARG A 393 -2.39 -9.88 -10.90
C ARG A 393 -2.99 -10.18 -9.53
N TYR A 394 -4.24 -9.76 -9.34
CA TYR A 394 -4.95 -9.95 -8.07
C TYR A 394 -5.93 -11.11 -8.12
N PHE A 395 -6.17 -11.71 -6.96
CA PHE A 395 -7.12 -12.82 -6.83
C PHE A 395 -7.75 -12.69 -5.46
N SER A 396 -9.00 -12.21 -5.45
CA SER A 396 -9.75 -11.98 -4.23
C SER A 396 -9.87 -13.16 -3.28
N MET A 397 -9.95 -14.37 -3.83
CA MET A 397 -10.14 -15.54 -2.98
C MET A 397 -9.14 -15.69 -1.85
N TRP A 398 -7.87 -15.36 -2.10
CA TRP A 398 -6.86 -15.48 -1.06
C TRP A 398 -6.39 -14.11 -0.58
N ASN A 399 -7.09 -13.06 -1.01
CA ASN A 399 -6.72 -11.70 -0.64
C ASN A 399 -5.31 -11.46 -1.20
N GLN A 400 -5.09 -12.05 -2.37
CA GLN A 400 -3.81 -11.99 -3.06
C GLN A 400 -3.67 -10.72 -3.88
N ALA A 401 -3.06 -9.70 -3.26
CA ALA A 401 -2.86 -8.40 -3.90
C ALA A 401 -1.63 -7.79 -3.24
N VAL A 402 -0.47 -8.07 -3.81
CA VAL A 402 0.81 -7.61 -3.29
C VAL A 402 0.93 -6.12 -2.93
N ASP A 403 1.60 -5.86 -1.79
CA ASP A 403 1.84 -4.51 -1.32
C ASP A 403 2.82 -3.89 -2.30
N SER A 404 2.53 -2.66 -2.72
CA SER A 404 3.41 -1.98 -3.66
C SER A 404 3.40 -0.49 -3.36
N TYR A 405 4.13 0.28 -4.17
CA TYR A 405 4.14 1.70 -4.00
C TYR A 405 4.34 2.38 -5.33
N ASP A 406 3.94 3.63 -5.42
CA ASP A 406 4.08 4.40 -6.64
C ASP A 406 5.58 4.72 -6.80
N PRO A 407 6.22 4.21 -7.87
CA PRO A 407 7.65 4.48 -8.06
C PRO A 407 8.00 5.97 -8.13
N ASP A 408 7.07 6.78 -8.62
CA ASP A 408 7.27 8.22 -8.73
C ASP A 408 7.14 8.93 -7.38
N VAL A 409 6.79 8.16 -6.36
CA VAL A 409 6.66 8.71 -5.02
C VAL A 409 7.93 8.34 -4.26
N ARG A 410 8.38 7.10 -4.42
CA ARG A 410 9.60 6.60 -3.78
C ARG A 410 10.80 7.38 -4.29
N ILE A 411 10.88 7.55 -5.61
CA ILE A 411 11.97 8.30 -6.22
C ILE A 411 11.36 9.45 -7.01
N ILE A 412 11.54 10.67 -6.53
CA ILE A 412 10.97 11.82 -7.22
C ILE A 412 11.74 12.16 -8.49
N GLU A 413 11.02 12.32 -9.59
CA GLU A 413 11.64 12.71 -10.84
C GLU A 413 11.05 14.09 -11.13
N ASN A 414 11.79 15.13 -10.80
CA ASN A 414 11.28 16.47 -11.00
C ASN A 414 11.71 17.10 -12.32
N HIS A 415 10.91 16.94 -13.37
CA HIS A 415 11.24 17.57 -14.64
C HIS A 415 10.41 18.85 -14.81
N GLY A 416 9.91 19.34 -13.70
CA GLY A 416 9.14 20.57 -13.73
C GLY A 416 7.72 20.45 -14.25
N THR A 417 7.22 21.55 -14.79
CA THR A 417 5.86 21.60 -15.30
C THR A 417 5.85 22.29 -16.65
N GLU A 418 4.91 21.91 -17.51
CA GLU A 418 4.80 22.51 -18.83
C GLU A 418 3.78 23.65 -18.74
N ASP A 419 4.23 24.74 -18.12
CA ASP A 419 3.40 25.93 -17.90
C ASP A 419 3.76 27.09 -18.81
N GLU A 420 4.18 26.79 -20.04
CA GLU A 420 4.54 27.81 -21.00
C GLU A 420 3.41 28.82 -21.23
N LEU A 421 2.17 28.32 -21.31
CA LEU A 421 1.02 29.20 -21.56
C LEU A 421 0.31 29.65 -20.29
N PRO A 422 -0.15 30.90 -20.27
CA PRO A 422 -0.86 31.44 -19.10
C PRO A 422 -2.28 30.84 -19.11
N ASN A 423 -2.86 30.68 -17.93
CA ASN A 423 -4.23 30.14 -17.81
C ASN A 423 -5.05 31.19 -17.07
N TYR A 424 -6.26 31.48 -17.53
CA TYR A 424 -7.10 32.49 -16.89
C TYR A 424 -8.52 32.01 -16.65
N CYS A 425 -9.22 32.73 -15.79
CA CYS A 425 -10.62 32.46 -15.51
C CYS A 425 -11.26 33.82 -15.85
N PHE A 426 -12.47 33.80 -16.39
CA PHE A 426 -13.11 35.04 -16.79
C PHE A 426 -14.50 35.30 -16.23
N PRO A 427 -15.02 36.53 -16.39
CA PRO A 427 -16.36 36.87 -15.88
C PRO A 427 -17.38 36.01 -16.63
N LEU A 428 -18.44 35.62 -15.94
CA LEU A 428 -19.44 34.78 -16.57
C LEU A 428 -20.05 35.45 -17.79
N GLY A 429 -20.03 36.78 -17.79
CA GLY A 429 -20.57 37.54 -18.91
C GLY A 429 -19.55 37.72 -20.01
N GLY A 430 -18.29 37.38 -19.72
CA GLY A 430 -17.24 37.50 -20.72
C GLY A 430 -16.52 38.84 -20.78
N ILE A 431 -17.06 39.85 -20.10
CA ILE A 431 -16.46 41.18 -20.10
C ILE A 431 -16.01 41.62 -18.70
N GLY A 432 -16.97 41.73 -17.79
CA GLY A 432 -16.67 42.15 -16.44
C GLY A 432 -17.15 43.58 -16.18
N VAL A 433 -16.21 44.50 -16.00
CA VAL A 433 -16.55 45.89 -15.75
C VAL A 433 -16.96 46.61 -17.03
N THR A 434 -18.18 47.14 -17.05
CA THR A 434 -18.68 47.87 -18.20
C THR A 434 -19.26 49.20 -17.74
N ASP A 435 -19.47 50.11 -18.69
CA ASP A 435 -20.02 51.42 -18.37
C ASP A 435 -21.16 51.76 -19.31
N THR A 436 -22.00 52.68 -18.88
CA THR A 436 -23.14 53.09 -19.67
C THR A 436 -22.75 54.15 -20.69
N TYR A 437 -23.31 54.02 -21.90
CA TYR A 437 -23.04 54.95 -22.98
C TYR A 437 -24.32 55.25 -23.74
N GLN A 438 -24.32 56.38 -24.44
CA GLN A 438 -25.48 56.78 -25.23
C GLN A 438 -25.02 56.82 -26.68
N ALA A 439 -25.91 56.47 -27.60
CA ALA A 439 -25.57 56.50 -29.01
C ALA A 439 -25.68 57.94 -29.50
N ILE A 440 -24.79 58.32 -30.41
CA ILE A 440 -24.80 59.67 -30.95
C ILE A 440 -24.58 59.63 -32.46
N LYS A 441 -25.12 60.61 -33.16
CA LYS A 441 -25.02 60.69 -34.61
C LYS A 441 -24.30 61.98 -35.05
N ALA A 442 -23.67 61.95 -36.21
CA ALA A 442 -22.95 63.12 -36.72
C ALA A 442 -23.93 64.15 -37.26
N THR A 453 -19.17 67.12 -37.51
CA THR A 453 -18.46 67.70 -36.37
C THR A 453 -19.37 67.82 -35.15
N THR A 454 -20.66 68.05 -35.40
CA THR A 454 -21.63 68.18 -34.33
C THR A 454 -22.37 66.87 -34.12
N TRP A 455 -22.19 66.26 -32.95
CA TRP A 455 -22.83 64.99 -32.65
C TRP A 455 -24.04 65.20 -31.75
N THR A 456 -25.12 64.49 -32.08
CA THR A 456 -26.36 64.58 -31.31
C THR A 456 -26.75 63.17 -30.85
N LYS A 457 -27.50 63.10 -29.75
CA LYS A 457 -27.93 61.82 -29.22
C LYS A 457 -28.84 61.10 -30.22
N ASP A 458 -28.59 59.80 -30.40
CA ASP A 458 -29.39 59.00 -31.32
C ASP A 458 -30.57 58.43 -30.55
N GLU A 459 -31.77 58.86 -30.93
CA GLU A 459 -32.99 58.41 -30.25
C GLU A 459 -33.40 56.97 -30.58
N THR A 460 -32.75 56.37 -31.57
CA THR A 460 -33.08 55.00 -31.95
C THR A 460 -32.38 53.98 -31.04
N PHE A 461 -31.53 54.45 -30.15
CA PHE A 461 -30.81 53.58 -29.22
C PHE A 461 -31.22 53.90 -27.79
N ALA A 462 -31.13 52.89 -26.92
CA ALA A 462 -31.46 53.10 -25.51
C ALA A 462 -30.48 54.13 -24.99
N THR A 463 -30.82 54.79 -23.89
CA THR A 463 -29.93 55.81 -23.35
C THR A 463 -28.75 55.20 -22.58
N ARG A 464 -28.99 54.06 -21.94
CA ARG A 464 -27.94 53.39 -21.17
C ARG A 464 -27.50 52.06 -21.81
N ASN A 465 -26.31 52.05 -22.39
CA ASN A 465 -25.78 50.86 -23.03
C ASN A 465 -24.48 50.41 -22.40
N GLU A 466 -24.45 49.15 -21.99
CA GLU A 466 -23.27 48.60 -21.36
C GLU A 466 -22.19 48.21 -22.36
N ILE A 467 -21.06 48.90 -22.29
CA ILE A 467 -19.93 48.64 -23.17
C ILE A 467 -18.66 48.67 -22.33
N GLY A 468 -17.80 47.67 -22.53
CA GLY A 468 -16.55 47.63 -21.80
C GLY A 468 -15.41 47.99 -22.73
N VAL A 469 -14.49 48.81 -22.24
CA VAL A 469 -13.35 49.25 -23.04
C VAL A 469 -12.09 48.50 -22.61
N GLY A 470 -11.26 48.14 -23.58
CA GLY A 470 -10.03 47.41 -23.31
C GLY A 470 -10.29 45.91 -23.26
N ASN A 471 -9.34 45.15 -22.71
CA ASN A 471 -9.53 43.69 -22.61
C ASN A 471 -10.49 43.42 -21.46
N ASN A 472 -10.98 42.19 -21.35
CA ASN A 472 -11.90 41.84 -20.28
C ASN A 472 -11.20 41.73 -18.93
N PHE A 473 -12.00 41.54 -17.88
CA PHE A 473 -11.45 41.38 -16.54
C PHE A 473 -10.93 39.95 -16.43
N ALA A 474 -9.75 39.77 -15.85
CA ALA A 474 -9.22 38.42 -15.74
C ALA A 474 -8.32 38.15 -14.55
N MET A 475 -8.37 36.90 -14.09
CA MET A 475 -7.55 36.42 -12.98
C MET A 475 -6.63 35.43 -13.67
N GLU A 476 -5.49 35.10 -13.07
CA GLU A 476 -4.56 34.17 -13.67
C GLU A 476 -4.17 33.07 -12.71
N ILE A 477 -3.98 31.87 -13.23
CA ILE A 477 -3.58 30.72 -12.42
C ILE A 477 -2.66 29.79 -13.22
N ASN A 478 -1.69 29.18 -12.53
CA ASN A 478 -0.76 28.24 -13.17
C ASN A 478 -1.29 26.85 -12.84
N LEU A 479 -2.10 26.28 -13.73
CA LEU A 479 -2.70 24.97 -13.50
C LEU A 479 -1.70 23.83 -13.27
N ASN A 480 -0.71 23.71 -14.15
CA ASN A 480 0.26 22.63 -13.99
C ASN A 480 1.15 22.75 -12.77
N ALA A 481 1.51 23.96 -12.37
CA ALA A 481 2.35 24.10 -11.19
C ALA A 481 1.54 23.69 -9.96
N ASN A 482 0.27 24.08 -9.93
CA ASN A 482 -0.62 23.73 -8.82
C ASN A 482 -0.80 22.21 -8.74
N LEU A 483 -1.13 21.58 -9.87
CA LEU A 483 -1.34 20.13 -9.89
C LEU A 483 -0.13 19.39 -9.35
N TRP A 484 1.05 19.81 -9.78
CA TRP A 484 2.31 19.20 -9.36
C TRP A 484 2.51 19.40 -7.87
N ARG A 485 2.31 20.63 -7.39
CA ARG A 485 2.49 20.96 -5.99
C ARG A 485 1.56 20.14 -5.09
N ASN A 486 0.31 19.97 -5.52
CA ASN A 486 -0.67 19.19 -4.76
C ASN A 486 -0.21 17.75 -4.68
N PHE A 487 0.42 17.25 -5.74
CA PHE A 487 0.90 15.87 -5.77
C PHE A 487 2.00 15.70 -4.72
N LEU A 488 2.96 16.61 -4.72
CA LEU A 488 4.08 16.56 -3.79
C LEU A 488 3.65 16.61 -2.34
N TYR A 489 2.74 17.52 -2.02
CA TYR A 489 2.27 17.66 -0.65
C TYR A 489 1.54 16.44 -0.12
N SER A 490 0.55 15.98 -0.89
CA SER A 490 -0.25 14.84 -0.49
C SER A 490 0.47 13.49 -0.41
N ASN A 491 1.44 13.28 -1.29
CA ASN A 491 2.13 12.01 -1.33
C ASN A 491 3.48 11.95 -0.65
N ILE A 492 4.15 13.08 -0.49
CA ILE A 492 5.46 13.04 0.16
C ILE A 492 5.54 13.90 1.42
N ALA A 493 5.16 15.16 1.32
CA ALA A 493 5.20 16.05 2.46
C ALA A 493 4.51 15.46 3.69
N LEU A 494 3.25 15.06 3.53
CA LEU A 494 2.51 14.49 4.65
C LEU A 494 3.13 13.23 5.22
N TYR A 495 3.93 12.52 4.41
CA TYR A 495 4.57 11.31 4.88
C TYR A 495 5.98 11.50 5.43
N LEU A 496 6.41 12.74 5.62
CA LEU A 496 7.75 13.01 6.15
C LEU A 496 7.88 12.56 7.60
N PRO A 497 9.12 12.28 8.04
CA PRO A 497 9.36 11.86 9.42
C PRO A 497 8.73 12.87 10.37
N ASP A 498 8.14 12.39 11.45
CA ASP A 498 7.46 13.25 12.41
C ASP A 498 8.33 14.36 13.03
N LYS A 499 9.65 14.17 13.02
CA LYS A 499 10.55 15.16 13.59
C LYS A 499 10.55 16.45 12.77
N LEU A 500 10.11 16.36 11.51
CA LEU A 500 10.07 17.51 10.62
C LEU A 500 8.72 18.23 10.71
N LYS A 501 7.80 17.68 11.48
CA LYS A 501 6.48 18.27 11.64
C LYS A 501 6.33 18.98 12.97
N TYR A 502 5.28 19.78 13.11
CA TYR A 502 5.04 20.50 14.36
C TYR A 502 3.58 20.44 14.78
N ASN A 503 3.34 20.79 16.03
CA ASN A 503 1.98 20.77 16.56
C ASN A 503 1.14 21.95 16.11
N PRO A 504 -0.17 21.74 15.96
CA PRO A 504 -1.07 22.80 15.53
C PRO A 504 -1.37 23.74 16.68
N THR A 505 -1.89 24.92 16.35
CA THR A 505 -2.22 25.92 17.34
C THR A 505 -3.73 26.00 17.53
N ASN A 506 -4.15 26.13 18.78
CA ASN A 506 -5.57 26.24 19.11
C ASN A 506 -6.35 25.01 18.70
N VAL A 507 -5.67 23.87 18.67
CA VAL A 507 -6.30 22.62 18.27
C VAL A 507 -5.78 21.48 19.12
N GLU A 508 -6.69 20.78 19.80
CA GLU A 508 -6.28 19.66 20.63
C GLU A 508 -5.68 18.58 19.74
N ILE A 509 -4.68 17.89 20.27
CA ILE A 509 -4.03 16.81 19.55
C ILE A 509 -3.58 15.76 20.56
N SER A 510 -3.82 14.49 20.22
CA SER A 510 -3.47 13.36 21.07
C SER A 510 -2.03 13.37 21.58
N ASP A 511 -1.83 12.64 22.67
CA ASP A 511 -0.55 12.47 23.34
C ASP A 511 0.16 11.28 22.73
N ASN A 512 -0.63 10.35 22.19
CA ASN A 512 -0.11 9.12 21.61
C ASN A 512 0.32 9.29 20.16
N PRO A 513 1.64 9.21 19.89
CA PRO A 513 2.10 9.36 18.51
C PRO A 513 1.76 8.17 17.59
N ASN A 514 1.30 7.06 18.16
CA ASN A 514 0.93 5.89 17.37
C ASN A 514 -0.54 6.01 16.98
N THR A 515 -1.10 7.17 17.31
CA THR A 515 -2.50 7.44 17.06
C THR A 515 -2.82 8.16 15.75
N TYR A 516 -3.99 7.86 15.17
CA TYR A 516 -4.40 8.50 13.93
C TYR A 516 -4.58 10.01 14.13
N ASP A 517 -5.22 10.38 15.23
CA ASP A 517 -5.45 11.78 15.55
C ASP A 517 -4.13 12.55 15.50
N TYR A 518 -3.11 11.97 16.12
CA TYR A 518 -1.78 12.58 16.14
C TYR A 518 -1.24 12.74 14.71
N MET A 519 -1.17 11.62 13.99
CA MET A 519 -0.65 11.62 12.63
C MET A 519 -1.47 12.49 11.68
N ASN A 520 -2.74 12.70 12.01
CA ASN A 520 -3.61 13.48 11.16
C ASN A 520 -3.54 14.99 11.41
N LYS A 521 -3.25 15.38 12.65
CA LYS A 521 -3.20 16.79 13.00
C LYS A 521 -1.82 17.45 13.03
N ARG A 522 -0.76 16.66 13.03
CA ARG A 522 0.58 17.23 13.03
C ARG A 522 0.71 17.97 11.70
N VAL A 523 1.11 19.23 11.75
CA VAL A 523 1.22 20.01 10.53
C VAL A 523 2.58 20.02 9.86
N VAL A 524 2.58 19.91 8.54
CA VAL A 524 3.82 19.92 7.78
C VAL A 524 3.83 21.09 6.81
N ALA A 525 4.96 21.79 6.76
CA ALA A 525 5.15 22.94 5.89
C ALA A 525 5.35 22.47 4.46
N PRO A 526 4.48 22.93 3.53
CA PRO A 526 4.60 22.52 2.12
C PRO A 526 5.98 22.84 1.56
N GLY A 527 6.61 23.87 2.10
CA GLY A 527 7.91 24.28 1.63
C GLY A 527 8.99 23.23 1.76
N LEU A 528 8.76 22.23 2.59
CA LEU A 528 9.75 21.18 2.77
C LEU A 528 9.91 20.33 1.50
N VAL A 529 8.81 20.17 0.76
CA VAL A 529 8.83 19.40 -0.49
C VAL A 529 8.04 20.20 -1.53
N ASP A 530 8.52 21.40 -1.84
CA ASP A 530 7.83 22.23 -2.81
C ASP A 530 8.21 21.83 -4.23
N CYS A 531 7.50 22.38 -5.21
CA CYS A 531 7.73 22.02 -6.61
C CYS A 531 9.10 22.31 -7.20
N TYR A 532 9.93 23.06 -6.49
CA TYR A 532 11.28 23.36 -6.99
C TYR A 532 12.30 22.45 -6.31
N ILE A 533 11.81 21.44 -5.61
CA ILE A 533 12.67 20.49 -4.90
C ILE A 533 13.53 19.69 -5.87
N ASN A 534 14.85 19.72 -5.67
CA ASN A 534 15.79 19.01 -6.51
C ASN A 534 15.33 19.01 -7.97
N LEU A 535 15.09 20.21 -8.51
CA LEU A 535 14.64 20.34 -9.89
C LEU A 535 15.59 19.74 -10.91
N GLY A 536 15.03 18.94 -11.81
CA GLY A 536 15.83 18.32 -12.86
C GLY A 536 16.52 17.04 -12.45
N ALA A 537 16.23 16.56 -11.25
CA ALA A 537 16.86 15.34 -10.77
C ALA A 537 15.91 14.17 -10.49
N ARG A 538 16.46 12.97 -10.58
CA ARG A 538 15.71 11.77 -10.26
C ARG A 538 16.36 11.43 -8.94
N TRP A 539 15.68 11.74 -7.85
CA TRP A 539 16.25 11.52 -6.53
C TRP A 539 15.20 11.36 -5.46
N SER A 540 15.41 10.39 -4.57
CA SER A 540 14.50 10.16 -3.46
C SER A 540 15.00 11.04 -2.31
N LEU A 541 14.09 11.70 -1.60
CA LEU A 541 14.51 12.57 -0.51
C LEU A 541 15.26 11.73 0.52
N ASP A 542 16.38 12.23 1.02
CA ASP A 542 17.13 11.47 2.02
C ASP A 542 16.26 11.15 3.22
N TYR A 543 15.39 12.09 3.60
CA TYR A 543 14.51 11.89 4.74
C TYR A 543 13.52 10.75 4.51
N MET A 544 13.32 10.36 3.25
CA MET A 544 12.37 9.31 2.95
C MET A 544 12.92 7.92 2.66
N ASP A 545 14.22 7.80 2.43
CA ASP A 545 14.79 6.50 2.14
C ASP A 545 14.56 5.47 3.23
N ASN A 546 14.61 5.88 4.49
CA ASN A 546 14.41 4.96 5.60
C ASN A 546 12.97 4.93 6.13
N VAL A 547 12.04 5.46 5.34
CA VAL A 547 10.63 5.45 5.71
C VAL A 547 9.91 4.39 4.89
N ASN A 548 9.22 3.47 5.57
CA ASN A 548 8.50 2.38 4.92
C ASN A 548 7.59 2.93 3.81
N PRO A 549 7.97 2.70 2.55
CA PRO A 549 7.19 3.18 1.41
C PRO A 549 5.86 2.48 1.14
N PHE A 550 5.64 1.34 1.78
CA PHE A 550 4.40 0.59 1.58
C PHE A 550 3.25 1.05 2.46
N ASN A 551 3.56 1.79 3.51
CA ASN A 551 2.52 2.35 4.38
C ASN A 551 2.19 3.68 3.71
N HIS A 552 1.34 3.64 2.69
CA HIS A 552 1.01 4.83 1.91
C HIS A 552 -0.34 4.63 1.22
N HIS A 553 -1.08 5.71 0.98
CA HIS A 553 -2.39 5.56 0.33
C HIS A 553 -2.30 5.18 -1.16
N ARG A 554 -1.10 5.18 -1.72
CA ARG A 554 -0.96 4.80 -3.11
C ARG A 554 -0.45 3.36 -3.24
N ASN A 555 -0.55 2.60 -2.15
CA ASN A 555 -0.16 1.19 -2.16
C ASN A 555 -1.38 0.51 -2.79
N ALA A 556 -1.27 0.13 -4.05
CA ALA A 556 -2.39 -0.50 -4.77
C ALA A 556 -2.95 -1.77 -4.15
N GLY A 557 -2.07 -2.66 -3.69
CA GLY A 557 -2.53 -3.89 -3.09
C GLY A 557 -3.44 -3.68 -1.88
N LEU A 558 -2.96 -2.87 -0.95
CA LEU A 558 -3.70 -2.56 0.25
C LEU A 558 -5.01 -1.84 -0.07
N ARG A 559 -4.97 -0.93 -1.03
CA ARG A 559 -6.18 -0.21 -1.41
C ARG A 559 -7.22 -1.16 -1.99
N TYR A 560 -6.78 -2.07 -2.85
CA TYR A 560 -7.66 -3.06 -3.44
C TYR A 560 -8.27 -3.95 -2.34
N ARG A 561 -7.40 -4.49 -1.48
CA ARG A 561 -7.84 -5.36 -0.40
C ARG A 561 -8.79 -4.64 0.56
N SER A 562 -8.64 -3.33 0.68
CA SER A 562 -9.52 -2.54 1.55
C SER A 562 -10.89 -2.39 0.90
N MET A 563 -10.88 -2.11 -0.40
CA MET A 563 -12.12 -1.92 -1.15
C MET A 563 -12.82 -3.24 -1.40
N LEU A 564 -12.10 -4.34 -1.22
CA LEU A 564 -12.66 -5.67 -1.43
C LEU A 564 -13.70 -5.89 -0.32
N LEU A 565 -13.46 -5.29 0.84
CA LEU A 565 -14.36 -5.41 1.98
C LEU A 565 -15.51 -4.42 1.88
N GLY A 566 -15.23 -3.24 1.33
CA GLY A 566 -16.24 -2.22 1.20
C GLY A 566 -15.68 -0.86 1.54
N ASN A 567 -16.54 0.15 1.55
CA ASN A 567 -16.15 1.51 1.86
C ASN A 567 -16.55 1.97 3.26
N GLY A 568 -17.15 1.08 4.05
CA GLY A 568 -17.58 1.41 5.39
C GLY A 568 -16.78 0.76 6.51
N ARG A 569 -16.85 1.32 7.71
CA ARG A 569 -16.10 0.78 8.84
C ARG A 569 -16.68 -0.52 9.36
N TYR A 570 -18.00 -0.68 9.26
CA TYR A 570 -18.67 -1.88 9.72
C TYR A 570 -18.80 -2.90 8.59
N VAL A 571 -18.08 -4.01 8.70
CA VAL A 571 -18.09 -5.02 7.64
C VAL A 571 -18.25 -6.48 8.05
N PRO A 572 -19.36 -7.10 7.64
CA PRO A 572 -19.50 -8.51 7.99
C PRO A 572 -18.65 -9.15 6.88
N PHE A 573 -17.74 -10.07 7.22
CA PHE A 573 -16.88 -10.64 6.20
C PHE A 573 -16.98 -12.15 6.05
N HIS A 574 -16.56 -12.63 4.89
CA HIS A 574 -16.56 -14.06 4.58
C HIS A 574 -15.34 -14.33 3.71
N ILE A 575 -14.37 -15.03 4.28
CA ILE A 575 -13.12 -15.31 3.59
C ILE A 575 -12.71 -16.77 3.55
N GLN A 576 -11.79 -17.09 2.65
CA GLN A 576 -11.24 -18.43 2.52
C GLN A 576 -9.73 -18.26 2.77
N VAL A 577 -9.19 -19.01 3.72
CA VAL A 577 -7.78 -18.90 4.09
C VAL A 577 -7.02 -20.17 3.75
N PRO A 578 -5.89 -20.04 3.03
CA PRO A 578 -5.07 -21.17 2.61
C PRO A 578 -4.10 -21.68 3.67
N GLN A 579 -3.68 -22.94 3.50
CA GLN A 579 -2.72 -23.56 4.42
C GLN A 579 -1.36 -23.33 3.77
N LYS A 580 -0.45 -22.70 4.50
CA LYS A 580 0.87 -22.39 3.97
C LYS A 580 2.02 -23.27 4.43
N PHE A 581 1.83 -24.06 5.48
CA PHE A 581 2.92 -24.90 6.00
C PHE A 581 3.42 -25.89 4.95
N PHE A 582 4.70 -25.79 4.62
CA PHE A 582 5.29 -26.63 3.59
C PHE A 582 5.11 -28.13 3.76
N ALA A 583 5.10 -28.60 5.00
CA ALA A 583 4.97 -30.03 5.26
C ALA A 583 3.65 -30.65 4.83
N ILE A 584 2.58 -29.87 4.83
CA ILE A 584 1.27 -30.42 4.47
C ILE A 584 0.48 -29.70 3.37
N LYS A 585 0.96 -28.54 2.92
CA LYS A 585 0.22 -27.78 1.90
C LYS A 585 0.03 -28.43 0.53
N ASN A 586 0.91 -29.36 0.16
CA ASN A 586 0.78 -30.03 -1.14
C ASN A 586 0.68 -31.53 -0.97
N LEU A 587 0.53 -31.97 0.26
CA LEU A 587 0.46 -33.39 0.58
C LEU A 587 -0.80 -34.07 0.04
N LEU A 588 -0.61 -35.25 -0.53
CA LEU A 588 -1.73 -36.03 -1.03
C LEU A 588 -2.07 -36.96 0.13
N LEU A 589 -3.16 -36.67 0.83
CA LEU A 589 -3.59 -37.44 1.97
C LEU A 589 -4.39 -38.67 1.55
N LEU A 590 -3.99 -39.83 2.03
CA LEU A 590 -4.67 -41.08 1.69
C LEU A 590 -5.84 -41.36 2.63
N PRO A 591 -6.68 -42.36 2.28
CA PRO A 591 -7.83 -42.73 3.11
C PRO A 591 -7.53 -42.84 4.61
N GLY A 592 -8.51 -42.46 5.42
CA GLY A 592 -8.35 -42.51 6.86
C GLY A 592 -8.97 -41.27 7.47
N SER A 593 -8.96 -41.19 8.80
CA SER A 593 -9.52 -40.04 9.49
C SER A 593 -8.40 -39.33 10.24
N TYR A 594 -8.39 -38.01 10.14
CA TYR A 594 -7.35 -37.23 10.79
C TYR A 594 -7.90 -36.05 11.57
N THR A 595 -7.15 -35.67 12.61
CA THR A 595 -7.53 -34.52 13.41
C THR A 595 -6.77 -33.36 12.81
N TYR A 596 -7.50 -32.35 12.37
CA TYR A 596 -6.91 -31.19 11.75
C TYR A 596 -7.32 -30.00 12.61
N GLU A 597 -6.34 -29.41 13.27
CA GLU A 597 -6.60 -28.28 14.15
C GLU A 597 -5.57 -27.19 13.93
N TRP A 598 -6.04 -25.95 14.05
CA TRP A 598 -5.17 -24.81 13.85
C TRP A 598 -5.65 -23.64 14.70
N ASN A 599 -4.73 -22.73 15.01
CA ASN A 599 -5.05 -21.56 15.82
C ASN A 599 -5.04 -20.29 14.98
N PHE A 600 -5.99 -19.41 15.26
CA PHE A 600 -6.12 -18.15 14.54
C PHE A 600 -5.95 -16.96 15.50
N ARG A 601 -5.42 -15.86 15.00
CA ARG A 601 -5.20 -14.67 15.83
C ARG A 601 -6.39 -13.72 15.87
N LYS A 602 -6.45 -12.92 16.91
CA LYS A 602 -7.52 -11.94 17.03
C LYS A 602 -6.94 -10.53 17.17
N ASP A 603 -5.63 -10.43 17.37
CA ASP A 603 -4.97 -9.13 17.50
C ASP A 603 -5.08 -8.33 16.20
N VAL A 604 -5.79 -7.20 16.28
CA VAL A 604 -5.99 -6.35 15.11
C VAL A 604 -4.72 -5.84 14.45
N ASN A 605 -3.67 -5.58 15.23
CA ASN A 605 -2.40 -5.09 14.66
C ASN A 605 -1.69 -6.18 13.85
N MET A 606 -2.14 -7.42 14.00
CA MET A 606 -1.56 -8.55 13.26
C MET A 606 -2.45 -8.98 12.09
N VAL A 607 -3.75 -9.13 12.34
CA VAL A 607 -4.68 -9.58 11.30
C VAL A 607 -5.04 -8.47 10.32
N LEU A 608 -4.99 -7.22 10.77
CA LEU A 608 -5.32 -6.10 9.93
C LEU A 608 -4.11 -5.26 9.56
N GLN A 609 -4.26 -4.48 8.49
CA GLN A 609 -3.20 -3.61 8.00
C GLN A 609 -3.81 -2.26 7.64
N SER A 610 -3.12 -1.20 8.02
CA SER A 610 -3.57 0.15 7.69
C SER A 610 -2.44 0.78 6.89
N SER A 611 -2.77 1.72 6.01
CA SER A 611 -1.71 2.34 5.22
C SER A 611 -0.95 3.35 6.08
N LEU A 612 -1.57 3.81 7.16
CA LEU A 612 -0.92 4.78 8.03
C LEU A 612 -0.08 4.09 9.08
N GLY A 613 -0.47 2.88 9.46
CA GLY A 613 0.27 2.13 10.44
C GLY A 613 -0.02 2.44 11.90
N ASN A 614 -1.10 3.18 12.15
CA ASN A 614 -1.46 3.55 13.52
C ASN A 614 -1.88 2.35 14.38
N ASP A 615 -1.80 2.51 15.69
CA ASP A 615 -2.16 1.46 16.64
C ASP A 615 -3.66 1.17 16.60
N LEU A 616 -4.03 0.08 15.94
CA LEU A 616 -5.45 -0.28 15.81
C LEU A 616 -6.10 -0.81 17.09
N ARG A 617 -5.28 -1.11 18.10
CA ARG A 617 -5.81 -1.61 19.36
C ARG A 617 -6.33 -0.38 20.11
N VAL A 618 -5.60 0.72 20.02
CA VAL A 618 -5.98 1.96 20.66
C VAL A 618 -7.02 2.70 19.85
N ASP A 619 -6.91 2.63 18.53
CA ASP A 619 -7.84 3.33 17.66
C ASP A 619 -9.14 2.60 17.33
N GLY A 620 -9.62 1.82 18.28
CA GLY A 620 -10.89 1.13 18.16
C GLY A 620 -11.24 0.10 17.11
N ALA A 621 -10.27 -0.60 16.56
CA ALA A 621 -10.58 -1.63 15.56
C ALA A 621 -10.88 -2.91 16.32
N SER A 622 -11.72 -3.77 15.75
CA SER A 622 -12.06 -5.03 16.41
C SER A 622 -12.59 -6.07 15.44
N ILE A 623 -12.38 -7.34 15.76
CA ILE A 623 -12.84 -8.42 14.92
C ILE A 623 -13.41 -9.58 15.75
N LYS A 624 -14.45 -10.22 15.23
CA LYS A 624 -15.06 -11.36 15.89
C LYS A 624 -15.32 -12.44 14.86
N PHE A 625 -14.89 -13.66 15.18
CA PHE A 625 -15.08 -14.79 14.30
C PHE A 625 -16.34 -15.51 14.72
N ASP A 626 -17.34 -15.53 13.84
CA ASP A 626 -18.61 -16.20 14.14
C ASP A 626 -18.56 -17.67 13.83
N SER A 627 -18.12 -18.03 12.63
CA SER A 627 -18.04 -19.44 12.29
C SER A 627 -16.84 -19.73 11.40
N ILE A 628 -16.38 -20.98 11.48
CA ILE A 628 -15.26 -21.42 10.68
C ILE A 628 -15.46 -22.88 10.28
N CYS A 629 -15.44 -23.12 8.98
CA CYS A 629 -15.61 -24.48 8.44
C CYS A 629 -14.36 -24.83 7.64
N LEU A 630 -14.28 -26.09 7.25
CA LEU A 630 -13.16 -26.57 6.47
C LEU A 630 -13.72 -27.16 5.19
N TYR A 631 -13.21 -26.72 4.05
CA TYR A 631 -13.67 -27.26 2.77
C TYR A 631 -12.59 -28.09 2.13
N ALA A 632 -12.99 -29.16 1.46
CA ALA A 632 -12.05 -30.02 0.79
C ALA A 632 -12.67 -30.53 -0.50
N THR A 633 -11.93 -30.46 -1.60
CA THR A 633 -12.45 -30.94 -2.88
C THR A 633 -11.70 -32.18 -3.35
N PHE A 634 -12.45 -33.22 -3.67
CA PHE A 634 -11.87 -34.48 -4.10
C PHE A 634 -12.07 -34.78 -5.59
N PHE A 635 -10.98 -35.09 -6.29
CA PHE A 635 -11.09 -35.46 -7.70
C PHE A 635 -11.93 -36.73 -7.64
N PRO A 636 -12.99 -36.81 -8.46
CA PRO A 636 -13.88 -37.97 -8.49
C PRO A 636 -13.24 -39.19 -9.17
N MET A 637 -12.03 -39.52 -8.72
CA MET A 637 -11.26 -40.62 -9.29
C MET A 637 -11.93 -41.99 -9.26
N ALA A 638 -11.79 -42.72 -10.36
CA ALA A 638 -12.35 -44.07 -10.48
C ALA A 638 -11.82 -44.86 -9.29
N HIS A 639 -12.72 -45.57 -8.61
CA HIS A 639 -12.35 -46.33 -7.42
C HIS A 639 -11.29 -47.40 -7.56
N ASN A 640 -11.22 -48.06 -8.71
CA ASN A 640 -10.21 -49.10 -8.90
C ASN A 640 -8.86 -48.42 -9.11
N THR A 641 -8.90 -47.21 -9.64
CA THR A 641 -7.69 -46.43 -9.88
C THR A 641 -7.18 -45.81 -8.59
N ALA A 642 -8.11 -45.27 -7.78
CA ALA A 642 -7.72 -44.66 -6.51
C ALA A 642 -7.08 -45.71 -5.62
N SER A 643 -7.67 -46.91 -5.63
CA SER A 643 -7.18 -48.02 -4.83
C SER A 643 -5.75 -48.41 -5.21
N THR A 644 -5.47 -48.44 -6.51
CA THR A 644 -4.13 -48.80 -6.98
C THR A 644 -3.12 -47.73 -6.57
N LEU A 645 -3.49 -46.47 -6.75
CA LEU A 645 -2.61 -45.35 -6.40
C LEU A 645 -2.30 -45.41 -4.91
N GLU A 646 -3.33 -45.64 -4.11
CA GLU A 646 -3.18 -45.74 -2.66
C GLU A 646 -2.14 -46.80 -2.28
N ALA A 647 -2.31 -48.01 -2.80
CA ALA A 647 -1.39 -49.09 -2.49
C ALA A 647 0.04 -48.73 -2.80
N MET A 648 0.26 -48.05 -3.93
CA MET A 648 1.61 -47.65 -4.31
C MET A 648 2.19 -46.60 -3.37
N LEU A 649 1.35 -45.65 -2.99
CA LEU A 649 1.76 -44.55 -2.11
C LEU A 649 1.96 -44.94 -0.66
N ARG A 650 1.49 -46.12 -0.26
CA ARG A 650 1.67 -46.54 1.12
C ARG A 650 3.02 -47.21 1.30
N ASN A 651 3.78 -47.27 0.22
CA ASN A 651 5.12 -47.86 0.22
C ASN A 651 6.12 -46.80 0.65
N ASP A 652 6.95 -47.09 1.64
CA ASP A 652 7.91 -46.10 2.10
C ASP A 652 8.79 -45.65 0.95
N THR A 653 9.01 -46.55 -0.01
CA THR A 653 9.81 -46.23 -1.17
C THR A 653 9.18 -45.05 -1.95
N ASN A 654 7.85 -44.99 -1.94
CA ASN A 654 7.14 -43.94 -2.63
C ASN A 654 6.67 -42.83 -1.69
N ASP A 655 7.35 -42.69 -0.56
CA ASP A 655 7.02 -41.64 0.39
C ASP A 655 7.10 -40.30 -0.33
N GLN A 656 6.19 -39.39 0.02
CA GLN A 656 6.21 -38.04 -0.55
C GLN A 656 7.20 -37.25 0.30
N SER A 657 7.74 -36.17 -0.26
CA SER A 657 8.68 -35.34 0.48
C SER A 657 8.62 -33.91 -0.02
N PHE A 658 8.82 -32.97 0.89
CA PHE A 658 8.77 -31.56 0.55
C PHE A 658 9.85 -30.76 1.29
N ASN A 659 10.07 -29.53 0.85
CA ASN A 659 11.03 -28.65 1.49
C ASN A 659 10.38 -27.28 1.56
N ASP A 660 10.75 -26.50 2.58
CA ASP A 660 10.19 -25.17 2.69
C ASP A 660 10.92 -24.33 1.67
N TYR A 661 10.17 -23.56 0.88
CA TYR A 661 10.77 -22.75 -0.16
C TYR A 661 11.89 -21.83 0.32
N LEU A 662 11.61 -21.01 1.32
CA LEU A 662 12.63 -20.09 1.84
C LEU A 662 13.86 -20.86 2.30
N SER A 663 13.63 -22.06 2.85
CA SER A 663 14.70 -22.95 3.32
C SER A 663 15.82 -22.27 4.09
N ALA A 664 15.50 -21.77 5.28
CA ALA A 664 16.50 -21.10 6.08
C ALA A 664 16.18 -21.02 7.57
N ALA A 665 17.26 -20.86 8.35
CA ALA A 665 17.15 -20.70 9.78
C ALA A 665 17.11 -19.17 9.91
N ASN A 666 16.08 -18.66 10.55
CA ASN A 666 15.92 -17.22 10.70
C ASN A 666 16.43 -16.69 12.04
N MET A 667 17.25 -15.66 11.99
CA MET A 667 17.81 -15.06 13.20
C MET A 667 17.68 -13.53 13.17
N LEU A 668 17.28 -12.95 14.29
CA LEU A 668 17.15 -11.50 14.40
C LEU A 668 18.13 -11.00 15.45
N TYR A 669 18.92 -10.00 15.09
CA TYR A 669 19.91 -9.42 16.00
C TYR A 669 19.63 -7.95 16.19
N PRO A 670 19.59 -7.50 17.45
CA PRO A 670 19.32 -6.10 17.79
C PRO A 670 20.41 -5.14 17.32
N ILE A 671 19.99 -3.95 16.89
CA ILE A 671 20.92 -2.93 16.47
C ILE A 671 20.48 -1.66 17.20
N PRO A 672 21.07 -1.40 18.37
CA PRO A 672 20.68 -0.20 19.11
C PRO A 672 20.77 1.08 18.26
N ALA A 673 19.96 2.07 18.62
CA ALA A 673 19.95 3.33 17.90
C ALA A 673 21.37 3.86 17.75
N ASN A 674 21.65 4.43 16.60
CA ASN A 674 22.97 5.00 16.31
C ASN A 674 24.17 4.04 16.33
N ALA A 675 23.91 2.75 16.48
CA ALA A 675 25.00 1.79 16.47
C ALA A 675 25.41 1.62 15.01
N THR A 676 26.65 1.21 14.77
CA THR A 676 27.14 1.06 13.42
C THR A 676 27.80 -0.30 13.17
N ASN A 677 28.42 -0.83 14.20
CA ASN A 677 29.09 -2.11 14.10
C ASN A 677 28.21 -3.18 14.73
N VAL A 678 28.00 -4.29 14.02
CA VAL A 678 27.17 -5.37 14.52
C VAL A 678 27.86 -6.73 14.36
N PRO A 679 28.50 -7.22 15.44
CA PRO A 679 29.16 -8.52 15.33
C PRO A 679 28.26 -9.63 15.85
N ILE A 680 28.27 -10.77 15.18
CA ILE A 680 27.47 -11.90 15.60
C ILE A 680 28.40 -13.09 15.69
N SER A 681 28.19 -13.94 16.68
CA SER A 681 29.05 -15.10 16.86
C SER A 681 28.27 -16.40 16.87
N ILE A 682 28.64 -17.31 15.99
CA ILE A 682 27.98 -18.60 15.91
C ILE A 682 28.89 -19.65 16.51
N PRO A 683 28.47 -20.27 17.61
CA PRO A 683 29.26 -21.31 18.28
C PRO A 683 29.58 -22.49 17.39
N SER A 684 30.74 -23.09 17.64
CA SER A 684 31.21 -24.25 16.89
C SER A 684 30.08 -25.22 16.56
N ARG A 685 29.91 -25.50 15.28
CA ARG A 685 28.88 -26.42 14.82
C ARG A 685 29.27 -27.00 13.46
N ASN A 686 28.43 -27.89 12.93
CA ASN A 686 28.70 -28.52 11.63
C ASN A 686 28.02 -27.72 10.53
N TRP A 687 28.71 -27.52 9.41
CA TRP A 687 28.16 -26.74 8.31
C TRP A 687 27.93 -27.49 7.01
N ALA A 688 27.99 -28.82 7.06
CA ALA A 688 27.77 -29.62 5.86
C ALA A 688 26.45 -29.23 5.22
N ALA A 689 26.45 -29.06 3.90
CA ALA A 689 25.26 -28.68 3.14
C ALA A 689 24.82 -27.22 3.30
N PHE A 690 25.64 -26.41 3.97
CA PHE A 690 25.29 -25.00 4.14
C PHE A 690 25.18 -24.39 2.74
N ARG A 691 24.07 -23.69 2.48
CA ARG A 691 23.83 -23.08 1.17
C ARG A 691 24.27 -21.62 1.05
N GLY A 692 24.28 -20.89 2.16
CA GLY A 692 24.70 -19.51 2.11
C GLY A 692 23.97 -18.60 3.07
N TRP A 693 24.17 -17.30 2.89
CA TRP A 693 23.55 -16.28 3.73
C TRP A 693 22.73 -15.32 2.87
N ALA A 694 21.69 -14.77 3.47
CA ALA A 694 20.83 -13.77 2.85
C ALA A 694 20.54 -12.82 4.03
N PHE A 695 20.35 -11.53 3.77
CA PHE A 695 20.08 -10.60 4.86
C PHE A 695 19.53 -9.22 4.48
N THR A 696 18.93 -8.57 5.48
CA THR A 696 18.37 -7.21 5.36
C THR A 696 18.32 -6.65 6.76
N ARG A 697 17.71 -5.46 6.89
CA ARG A 697 17.60 -4.78 8.16
C ARG A 697 16.12 -4.49 8.39
N LEU A 698 15.67 -4.58 9.63
CA LEU A 698 14.26 -4.32 9.92
C LEU A 698 14.14 -3.29 11.04
N LYS A 699 12.99 -2.65 11.12
CA LYS A 699 12.76 -1.69 12.19
C LYS A 699 12.12 -2.52 13.30
N THR A 700 12.59 -2.33 14.52
CA THR A 700 12.05 -3.09 15.65
C THR A 700 10.57 -2.79 15.86
N LYS A 701 10.17 -1.56 15.54
CA LYS A 701 8.79 -1.13 15.70
C LYS A 701 7.84 -1.83 14.74
N GLU A 702 8.39 -2.33 13.63
CA GLU A 702 7.58 -2.99 12.60
C GLU A 702 7.77 -4.49 12.59
N THR A 703 8.39 -5.01 13.66
CA THR A 703 8.64 -6.44 13.76
C THR A 703 8.03 -7.03 15.03
N PRO A 704 6.82 -7.57 14.94
CA PRO A 704 6.20 -8.16 16.13
C PRO A 704 7.04 -9.28 16.73
N SER A 705 6.75 -9.62 17.98
CA SER A 705 7.47 -10.69 18.66
C SER A 705 6.65 -11.96 18.52
N LEU A 706 7.03 -12.80 17.57
CA LEU A 706 6.31 -14.04 17.34
C LEU A 706 6.64 -15.08 18.42
N GLY A 707 7.60 -14.74 19.27
CA GLY A 707 7.98 -15.64 20.35
C GLY A 707 6.89 -15.76 21.41
N SER A 708 5.66 -15.40 21.04
CA SER A 708 4.52 -15.48 21.96
C SER A 708 3.19 -15.39 21.22
N GLY A 709 2.12 -15.82 21.91
CA GLY A 709 0.81 -15.77 21.30
C GLY A 709 0.27 -14.36 21.16
N TYR A 710 0.85 -13.42 21.91
CA TYR A 710 0.40 -12.03 21.86
C TYR A 710 1.53 -11.09 22.31
N ASP A 711 1.76 -10.02 21.55
CA ASP A 711 2.81 -9.06 21.85
C ASP A 711 2.17 -7.78 22.43
N PRO A 712 2.28 -7.58 23.74
CA PRO A 712 1.71 -6.41 24.42
C PRO A 712 2.29 -5.07 24.01
N TYR A 713 3.55 -5.06 23.59
CA TYR A 713 4.21 -3.83 23.19
C TYR A 713 4.16 -3.53 21.69
N TYR A 714 3.36 -4.30 20.95
CA TYR A 714 3.26 -4.09 19.50
C TYR A 714 2.17 -3.09 19.14
N THR A 715 2.58 -1.85 18.88
CA THR A 715 1.63 -0.79 18.57
C THR A 715 1.77 -0.22 17.16
N TYR A 716 1.87 -1.11 16.18
CA TYR A 716 2.03 -0.73 14.78
C TYR A 716 1.18 -1.66 13.92
N SER A 717 0.65 -1.14 12.81
CA SER A 717 -0.19 -1.95 11.93
C SER A 717 0.11 -1.79 10.44
N GLY A 718 1.32 -1.35 10.11
CA GLY A 718 1.67 -1.18 8.71
C GLY A 718 2.14 -2.49 8.12
N SER A 719 2.89 -2.45 7.03
CA SER A 719 3.38 -3.70 6.45
C SER A 719 4.40 -4.26 7.43
N ILE A 720 4.61 -5.57 7.37
CA ILE A 720 5.56 -6.24 8.26
C ILE A 720 6.57 -6.98 7.38
N PRO A 721 7.61 -6.28 6.91
CA PRO A 721 8.67 -6.81 6.05
C PRO A 721 9.11 -8.24 6.39
N TYR A 722 9.28 -8.52 7.68
CA TYR A 722 9.71 -9.83 8.12
C TYR A 722 8.81 -10.93 7.58
N LEU A 723 7.51 -10.66 7.55
CA LEU A 723 6.54 -11.64 7.09
C LEU A 723 6.08 -11.47 5.65
N ASP A 724 5.98 -10.24 5.15
CA ASP A 724 5.49 -10.04 3.79
C ASP A 724 6.49 -9.69 2.69
N GLY A 725 7.74 -9.43 3.06
CA GLY A 725 8.74 -9.13 2.07
C GLY A 725 8.85 -7.69 1.61
N THR A 726 8.20 -6.76 2.31
CA THR A 726 8.27 -5.34 1.93
C THR A 726 9.56 -4.69 2.46
N PHE A 727 10.70 -5.33 2.21
CA PHE A 727 11.98 -4.80 2.67
C PHE A 727 12.27 -3.46 2.01
N TYR A 728 12.93 -2.56 2.73
CA TYR A 728 13.23 -1.25 2.18
C TYR A 728 14.45 -0.56 2.80
N LEU A 729 15.25 -1.30 3.56
CA LEU A 729 16.43 -0.73 4.21
C LEU A 729 17.76 -1.32 3.72
N ASN A 730 17.75 -1.95 2.55
CA ASN A 730 18.96 -2.57 2.01
C ASN A 730 20.12 -1.63 1.66
N HIS A 731 19.82 -0.35 1.54
CA HIS A 731 20.86 0.62 1.20
C HIS A 731 21.68 1.04 2.41
N THR A 732 21.21 0.70 3.60
CA THR A 732 21.92 1.09 4.82
C THR A 732 23.11 0.20 5.19
N PHE A 733 23.45 -0.78 4.36
CA PHE A 733 24.59 -1.64 4.66
C PHE A 733 25.87 -1.10 4.04
N LYS A 734 26.97 -1.15 4.79
CA LYS A 734 28.25 -0.66 4.29
C LYS A 734 29.15 -1.82 3.88
N LYS A 735 29.31 -2.79 4.77
CA LYS A 735 30.15 -3.95 4.50
C LYS A 735 29.86 -5.15 5.40
N VAL A 736 30.44 -6.29 5.03
CA VAL A 736 30.27 -7.51 5.80
C VAL A 736 31.56 -8.32 5.75
N ALA A 737 32.06 -8.69 6.92
CA ALA A 737 33.27 -9.50 7.03
C ALA A 737 32.85 -10.86 7.60
N ILE A 738 33.32 -11.93 6.96
CA ILE A 738 32.96 -13.29 7.39
C ILE A 738 34.19 -14.09 7.75
N THR A 739 34.23 -14.63 8.97
CA THR A 739 35.37 -15.42 9.43
C THR A 739 35.04 -16.77 10.05
N PHE A 740 35.81 -17.79 9.70
CA PHE A 740 35.63 -19.14 10.24
C PHE A 740 36.74 -19.44 11.24
N ASP A 741 36.36 -19.93 12.41
CA ASP A 741 37.32 -20.27 13.46
C ASP A 741 38.21 -19.10 13.88
N SER A 742 37.62 -17.91 13.93
CA SER A 742 38.33 -16.70 14.34
C SER A 742 39.72 -16.61 13.75
N SER A 743 39.83 -16.67 12.43
CA SER A 743 41.12 -16.59 11.77
C SER A 743 40.97 -16.68 10.26
N VAL A 744 40.36 -17.76 9.79
CA VAL A 744 40.17 -17.97 8.35
C VAL A 744 39.07 -17.08 7.78
N SER A 745 39.48 -16.08 7.01
CA SER A 745 38.55 -15.15 6.39
C SER A 745 37.90 -15.75 5.14
N TRP A 746 36.58 -15.66 5.06
CA TRP A 746 35.88 -16.18 3.90
C TRP A 746 35.39 -15.03 3.04
N PRO A 747 35.46 -15.16 1.71
CA PRO A 747 35.97 -16.35 1.00
C PRO A 747 37.49 -16.34 0.87
N GLY A 748 38.10 -15.21 1.22
CA GLY A 748 39.54 -15.10 1.12
C GLY A 748 40.07 -15.41 -0.26
N ASN A 749 41.16 -16.17 -0.31
CA ASN A 749 41.81 -16.55 -1.56
C ASN A 749 42.10 -15.40 -2.52
N ASP A 750 42.14 -14.19 -1.97
CA ASP A 750 42.45 -13.02 -2.78
C ASP A 750 41.47 -12.84 -3.95
N ARG A 751 40.24 -13.28 -3.75
CA ARG A 751 39.20 -13.21 -4.77
C ARG A 751 38.69 -11.80 -5.08
N LEU A 752 38.29 -11.07 -4.05
CA LEU A 752 37.72 -9.72 -4.20
C LEU A 752 38.77 -8.60 -4.27
N LEU A 753 38.36 -7.46 -4.82
CA LEU A 753 39.26 -6.30 -4.94
C LEU A 753 39.69 -5.81 -3.55
N THR A 754 38.84 -6.07 -2.56
CA THR A 754 39.13 -5.76 -1.16
C THR A 754 38.85 -7.14 -0.56
N PRO A 755 39.84 -8.05 -0.65
CA PRO A 755 39.87 -9.44 -0.20
C PRO A 755 39.40 -9.85 1.18
N ASN A 756 39.58 -9.01 2.19
CA ASN A 756 39.19 -9.39 3.54
C ASN A 756 37.73 -9.23 3.94
N GLU A 757 36.94 -8.56 3.11
CA GLU A 757 35.55 -8.34 3.45
C GLU A 757 34.71 -7.99 2.24
N PHE A 758 33.39 -8.10 2.40
CA PHE A 758 32.48 -7.75 1.32
C PHE A 758 32.10 -6.28 1.53
N GLU A 759 32.55 -5.42 0.62
CA GLU A 759 32.22 -4.01 0.70
C GLU A 759 31.02 -3.77 -0.20
N ILE A 760 29.91 -3.36 0.40
CA ILE A 760 28.69 -3.11 -0.35
C ILE A 760 28.74 -1.78 -1.08
N LYS A 761 29.15 -0.74 -0.36
CA LYS A 761 29.27 0.60 -0.93
C LYS A 761 30.43 1.34 -0.29
N ARG A 762 31.08 2.20 -1.08
CA ARG A 762 32.21 2.98 -0.58
C ARG A 762 31.91 4.47 -0.69
N SER A 763 32.43 5.23 0.27
CA SER A 763 32.22 6.69 0.28
C SER A 763 33.04 7.31 -0.84
N VAL A 764 32.68 8.53 -1.22
CA VAL A 764 33.37 9.25 -2.29
C VAL A 764 34.88 9.08 -2.22
N ASP A 765 35.37 8.71 -1.03
CA ASP A 765 36.79 8.50 -0.81
C ASP A 765 37.34 7.36 -1.67
N GLY A 766 36.47 6.46 -2.12
CA GLY A 766 36.92 5.35 -2.95
C GLY A 766 36.14 5.13 -4.23
N GLU A 767 35.74 6.22 -4.89
CA GLU A 767 34.98 6.12 -6.13
C GLU A 767 35.54 5.07 -7.08
N GLY A 768 36.86 5.05 -7.22
CA GLY A 768 37.53 4.10 -8.11
C GLY A 768 36.88 2.73 -8.25
N TYR A 769 36.65 2.06 -7.13
CA TYR A 769 36.05 0.72 -7.17
C TYR A 769 34.52 0.66 -7.26
N ASN A 770 33.86 1.79 -7.50
CA ASN A 770 32.41 1.80 -7.61
C ASN A 770 31.96 1.51 -9.05
N VAL A 771 30.67 1.23 -9.21
CA VAL A 771 30.10 0.92 -10.53
C VAL A 771 28.71 1.46 -10.78
N ALA A 772 28.28 1.27 -12.03
CA ALA A 772 26.95 1.64 -12.51
C ALA A 772 26.53 3.04 -12.14
N GLN A 773 27.50 3.95 -12.03
CA GLN A 773 27.22 5.34 -11.72
C GLN A 773 26.53 5.61 -10.37
N CYS A 774 26.92 4.84 -9.35
CA CYS A 774 26.39 5.04 -8.00
C CYS A 774 27.49 4.62 -7.03
N ASN A 775 27.21 4.65 -5.72
CA ASN A 775 28.21 4.30 -4.72
C ASN A 775 28.40 2.81 -4.43
N MET A 776 27.75 1.94 -5.19
CA MET A 776 27.92 0.50 -4.98
C MET A 776 29.26 0.07 -5.57
N THR A 777 29.92 -0.89 -4.92
CA THR A 777 31.23 -1.37 -5.38
C THR A 777 31.15 -2.35 -6.54
N LYS A 778 32.27 -2.52 -7.25
CA LYS A 778 32.34 -3.47 -8.35
C LYS A 778 32.20 -4.88 -7.77
N ASP A 779 32.88 -5.15 -6.65
CA ASP A 779 32.81 -6.47 -6.02
C ASP A 779 31.36 -6.85 -5.74
N TRP A 780 30.67 -6.01 -4.98
CA TRP A 780 29.29 -6.28 -4.62
C TRP A 780 28.36 -6.46 -5.83
N PHE A 781 28.45 -5.57 -6.81
CA PHE A 781 27.61 -5.67 -8.00
C PHE A 781 27.84 -7.05 -8.65
N LEU A 782 29.11 -7.44 -8.75
CA LEU A 782 29.47 -8.73 -9.33
C LEU A 782 28.83 -9.88 -8.56
N VAL A 783 29.03 -9.89 -7.24
CA VAL A 783 28.51 -10.95 -6.40
C VAL A 783 26.99 -11.09 -6.49
N GLN A 784 26.27 -9.98 -6.50
CA GLN A 784 24.81 -10.03 -6.57
C GLN A 784 24.33 -10.49 -7.94
N MET A 785 25.02 -10.11 -8.99
CA MET A 785 24.62 -10.52 -10.33
C MET A 785 24.84 -12.03 -10.48
N LEU A 786 25.97 -12.52 -9.95
CA LEU A 786 26.27 -13.95 -10.01
C LEU A 786 25.26 -14.72 -9.17
N ALA A 787 25.16 -14.34 -7.89
CA ALA A 787 24.24 -14.98 -6.96
C ALA A 787 22.80 -15.08 -7.46
N ASN A 788 22.30 -14.02 -8.09
CA ASN A 788 20.93 -14.00 -8.60
C ASN A 788 20.74 -14.58 -10.01
N TYR A 789 21.65 -14.29 -10.93
CA TYR A 789 21.49 -14.75 -12.32
C TYR A 789 22.66 -15.47 -12.96
N ASN A 790 23.74 -15.70 -12.24
CA ASN A 790 24.91 -16.36 -12.83
C ASN A 790 25.53 -15.47 -13.89
N ILE A 791 25.26 -14.18 -13.81
CA ILE A 791 25.81 -13.22 -14.76
C ILE A 791 27.01 -12.51 -14.14
N GLY A 792 28.11 -12.39 -14.89
CA GLY A 792 29.28 -11.72 -14.36
C GLY A 792 30.63 -12.08 -14.96
N TYR A 793 30.88 -13.38 -15.15
CA TYR A 793 32.17 -13.80 -15.71
C TYR A 793 32.27 -13.70 -17.23
N GLN A 794 31.16 -13.42 -17.87
CA GLN A 794 31.18 -13.30 -19.32
C GLN A 794 30.36 -12.10 -19.76
N GLY A 795 30.51 -11.01 -19.02
CA GLY A 795 29.79 -9.79 -19.35
C GLY A 795 28.63 -9.47 -18.43
N PHE A 796 28.28 -8.19 -18.43
CA PHE A 796 27.16 -7.69 -17.64
C PHE A 796 26.05 -7.28 -18.59
N TYR A 797 24.85 -7.76 -18.32
CA TYR A 797 23.71 -7.43 -19.15
C TYR A 797 22.43 -7.65 -18.36
N ILE A 798 21.33 -7.10 -18.85
CA ILE A 798 20.06 -7.23 -18.16
C ILE A 798 19.62 -8.69 -18.26
N PRO A 799 19.33 -9.32 -17.12
CA PRO A 799 18.89 -10.71 -17.07
C PRO A 799 17.50 -10.91 -17.68
N GLU A 800 17.22 -12.11 -18.16
CA GLU A 800 15.90 -12.39 -18.74
C GLU A 800 14.86 -12.03 -17.69
N SER A 801 13.80 -11.34 -18.12
CA SER A 801 12.76 -10.91 -17.19
C SER A 801 12.08 -12.03 -16.41
N TYR A 802 12.09 -13.25 -16.96
CA TYR A 802 11.45 -14.37 -16.29
C TYR A 802 12.25 -14.72 -15.04
N LYS A 803 13.54 -14.40 -15.07
CA LYS A 803 14.44 -14.70 -13.95
C LYS A 803 14.68 -13.49 -13.06
N ASP A 804 14.25 -12.32 -13.51
CA ASP A 804 14.43 -11.09 -12.76
C ASP A 804 13.05 -10.73 -12.19
N ARG A 805 12.63 -11.50 -11.19
CA ARG A 805 11.33 -11.33 -10.57
C ARG A 805 11.16 -10.13 -9.66
N MET A 806 10.00 -10.07 -9.02
CA MET A 806 9.64 -8.97 -8.14
C MET A 806 10.56 -8.73 -6.94
N TYR A 807 11.14 -9.78 -6.39
CA TYR A 807 12.02 -9.65 -5.24
C TYR A 807 13.48 -9.88 -5.59
N SER A 808 13.80 -9.74 -6.88
CA SER A 808 15.18 -9.92 -7.35
C SER A 808 15.96 -8.61 -7.26
N PHE A 809 17.28 -8.74 -7.27
CA PHE A 809 18.18 -7.61 -7.19
C PHE A 809 18.06 -6.56 -8.31
N PHE A 810 18.34 -6.96 -9.56
CA PHE A 810 18.30 -6.03 -10.68
C PHE A 810 17.01 -5.24 -10.83
N ARG A 811 15.87 -5.94 -10.82
CA ARG A 811 14.56 -5.32 -10.94
C ARG A 811 14.37 -4.15 -9.97
N ASN A 812 15.01 -4.25 -8.81
CA ASN A 812 14.88 -3.25 -7.76
C ASN A 812 16.06 -2.30 -7.58
N PHE A 813 17.14 -2.54 -8.32
CA PHE A 813 18.33 -1.71 -8.22
C PHE A 813 18.10 -0.31 -8.83
N GLN A 814 18.18 0.72 -8.00
CA GLN A 814 17.94 2.09 -8.44
C GLN A 814 19.06 3.10 -8.09
N PRO A 815 20.06 3.23 -8.97
CA PRO A 815 21.15 4.18 -8.72
C PRO A 815 20.70 5.62 -8.97
N MET A 816 21.15 6.57 -8.15
CA MET A 816 20.75 7.97 -8.29
C MET A 816 21.88 8.94 -8.02
N SER A 817 21.76 10.15 -8.58
CA SER A 817 22.75 11.20 -8.38
C SER A 817 22.06 12.56 -8.38
N ARG A 818 22.71 13.54 -7.77
CA ARG A 818 22.18 14.89 -7.74
C ARG A 818 23.31 15.82 -7.37
N GLN A 819 23.12 17.10 -7.63
CA GLN A 819 24.11 18.10 -7.29
C GLN A 819 23.48 19.06 -6.28
N VAL A 820 24.31 19.56 -5.37
CA VAL A 820 23.86 20.50 -4.37
C VAL A 820 24.97 21.55 -4.25
N VAL A 821 24.61 22.74 -3.79
CA VAL A 821 25.58 23.81 -3.66
C VAL A 821 26.74 23.35 -2.80
N ASP A 822 27.94 23.72 -3.21
CA ASP A 822 29.14 23.40 -2.44
C ASP A 822 29.22 24.56 -1.46
N ASP A 823 28.82 24.31 -0.21
CA ASP A 823 28.81 25.37 0.80
C ASP A 823 30.14 25.73 1.43
N THR A 824 31.24 25.33 0.83
CA THR A 824 32.55 25.68 1.36
C THR A 824 33.44 26.20 0.24
N LYS A 825 32.93 26.10 -0.99
CA LYS A 825 33.67 26.59 -2.15
C LYS A 825 32.93 27.77 -2.76
N TYR A 826 31.63 27.83 -2.53
CA TYR A 826 30.80 28.93 -3.04
C TYR A 826 30.77 30.01 -1.97
N LYS A 827 31.61 31.02 -2.15
CA LYS A 827 31.75 32.12 -1.20
C LYS A 827 30.45 32.76 -0.71
N GLU A 828 29.56 33.08 -1.63
CA GLU A 828 28.29 33.73 -1.29
C GLU A 828 27.29 32.89 -0.50
N TYR A 829 27.62 31.62 -0.25
CA TYR A 829 26.70 30.73 0.48
C TYR A 829 26.08 31.30 1.76
N GLN A 830 24.80 30.99 1.96
CA GLN A 830 24.04 31.42 3.13
C GLN A 830 23.14 30.26 3.50
N GLN A 831 23.07 29.92 4.78
CA GLN A 831 22.22 28.82 5.21
C GLN A 831 20.91 29.42 5.73
N VAL A 832 19.85 29.32 4.94
CA VAL A 832 18.56 29.85 5.32
C VAL A 832 17.59 28.71 5.65
N GLY A 833 17.05 28.71 6.87
CA GLY A 833 16.12 27.67 7.25
C GLY A 833 14.77 27.89 6.60
N ILE A 834 13.86 26.91 6.73
CA ILE A 834 12.53 27.04 6.13
C ILE A 834 11.80 28.28 6.62
N LEU A 835 12.01 28.64 7.88
CA LEU A 835 11.35 29.81 8.45
C LEU A 835 11.55 31.07 7.62
N HIS A 836 12.73 31.22 7.03
CA HIS A 836 13.03 32.42 6.27
C HIS A 836 13.18 32.24 4.77
N GLN A 837 12.72 31.12 4.26
CA GLN A 837 12.79 30.85 2.83
C GLN A 837 11.54 31.41 2.17
N HIS A 838 11.68 32.05 1.02
CA HIS A 838 10.50 32.53 0.34
C HIS A 838 10.57 32.38 -1.18
N ASN A 839 9.56 31.69 -1.70
CA ASN A 839 9.37 31.40 -3.13
C ASN A 839 7.86 31.29 -3.30
N ASN A 840 7.29 32.13 -4.15
CA ASN A 840 5.85 32.17 -4.38
C ASN A 840 5.19 32.90 -3.22
N SER A 841 5.97 33.75 -2.54
CA SER A 841 5.45 34.53 -1.43
C SER A 841 4.32 35.37 -2.00
N GLY A 842 3.24 35.50 -1.24
CA GLY A 842 2.09 36.26 -1.68
C GLY A 842 1.10 35.36 -2.39
N PHE A 843 1.53 34.17 -2.77
CA PHE A 843 0.66 33.23 -3.48
C PHE A 843 0.44 31.90 -2.77
N VAL A 844 1.18 31.66 -1.70
CA VAL A 844 1.02 30.41 -0.96
C VAL A 844 0.98 30.69 0.54
N GLY A 845 0.53 29.70 1.33
CA GLY A 845 0.45 29.89 2.76
C GLY A 845 1.81 29.84 3.44
N TYR A 846 1.89 30.37 4.65
CA TYR A 846 3.16 30.40 5.39
C TYR A 846 3.37 29.20 6.34
N LEU A 847 4.34 28.36 5.98
CA LEU A 847 4.66 27.18 6.79
C LEU A 847 3.51 26.20 6.95
N ALA A 848 2.50 26.32 6.11
CA ALA A 848 1.36 25.44 6.22
C ALA A 848 0.51 25.44 4.97
N PRO A 849 -0.39 24.45 4.83
CA PRO A 849 -1.29 24.32 3.69
C PRO A 849 -2.51 25.22 3.87
N THR A 850 -2.29 26.47 4.25
CA THR A 850 -3.39 27.39 4.47
C THR A 850 -3.46 28.51 3.44
N MET A 851 -4.36 29.46 3.67
CA MET A 851 -4.59 30.60 2.80
C MET A 851 -3.33 31.35 2.37
N ARG A 852 -3.30 31.81 1.12
CA ARG A 852 -2.15 32.57 0.63
C ARG A 852 -1.95 33.83 1.46
N GLU A 853 -0.73 34.34 1.46
CA GLU A 853 -0.41 35.55 2.21
C GLU A 853 0.95 36.08 1.78
N GLY A 854 1.24 37.33 2.16
CA GLY A 854 2.51 37.92 1.79
C GLY A 854 2.41 38.71 0.51
N GLN A 855 3.56 39.05 -0.06
CA GLN A 855 3.62 39.84 -1.29
C GLN A 855 4.57 39.18 -2.27
N ALA A 856 4.40 39.49 -3.55
CA ALA A 856 5.26 38.97 -4.59
C ALA A 856 6.66 39.53 -4.33
N TYR A 857 7.68 38.71 -4.59
CA TYR A 857 9.05 39.16 -4.38
C TYR A 857 10.03 38.14 -4.96
N PRO A 858 11.23 38.59 -5.34
CA PRO A 858 12.23 37.67 -5.89
C PRO A 858 12.45 36.53 -4.92
N ALA A 859 12.42 35.30 -5.43
CA ALA A 859 12.61 34.13 -4.57
C ALA A 859 14.06 34.10 -4.07
N ASN A 860 14.28 33.55 -2.88
CA ASN A 860 15.64 33.48 -2.36
C ASN A 860 16.14 32.03 -2.28
N VAL A 861 15.36 31.12 -2.86
CA VAL A 861 15.69 29.69 -2.92
C VAL A 861 14.90 29.09 -4.07
N PRO A 862 15.45 28.04 -4.72
CA PRO A 862 16.73 27.40 -4.43
C PRO A 862 17.89 27.99 -5.22
N TYR A 863 19.11 27.68 -4.79
CA TYR A 863 20.30 28.15 -5.49
C TYR A 863 20.28 27.50 -6.88
N PRO A 864 20.53 28.29 -7.93
CA PRO A 864 20.54 27.73 -9.28
C PRO A 864 21.76 26.85 -9.56
N LEU A 865 21.52 25.65 -10.09
CA LEU A 865 22.61 24.74 -10.39
C LEU A 865 22.87 24.73 -11.90
N ILE A 866 22.16 25.60 -12.60
CA ILE A 866 22.26 25.70 -14.05
C ILE A 866 22.43 27.16 -14.48
N GLY A 867 22.67 27.38 -15.76
CA GLY A 867 22.82 28.74 -16.25
C GLY A 867 24.19 29.35 -16.05
N LYS A 868 24.33 30.60 -16.47
CA LYS A 868 25.59 31.33 -16.35
C LYS A 868 26.02 31.56 -14.91
N THR A 869 25.05 31.78 -14.03
CA THR A 869 25.34 32.03 -12.62
C THR A 869 25.20 30.78 -11.76
N ALA A 870 25.38 29.62 -12.38
CA ALA A 870 25.29 28.35 -11.66
C ALA A 870 26.31 28.38 -10.53
N VAL A 871 25.86 28.02 -9.33
CA VAL A 871 26.75 28.00 -8.17
C VAL A 871 27.66 26.77 -8.16
N ASP A 872 28.76 26.86 -7.44
CA ASP A 872 29.68 25.72 -7.33
C ASP A 872 28.89 24.59 -6.70
N SER A 873 29.05 23.39 -7.21
CA SER A 873 28.27 22.28 -6.68
C SER A 873 29.07 21.07 -6.27
N ILE A 874 28.40 20.19 -5.54
CA ILE A 874 28.97 18.95 -5.05
C ILE A 874 28.02 17.83 -5.48
N THR A 875 28.59 16.71 -5.92
CA THR A 875 27.78 15.58 -6.38
C THR A 875 27.60 14.51 -5.31
N GLN A 876 26.38 13.97 -5.22
CA GLN A 876 26.07 12.90 -4.27
C GLN A 876 25.48 11.74 -5.05
N LYS A 877 25.96 10.53 -4.77
CA LYS A 877 25.48 9.33 -5.46
C LYS A 877 25.01 8.31 -4.43
N LYS A 878 23.92 7.62 -4.75
CA LYS A 878 23.39 6.62 -3.85
C LYS A 878 22.54 5.67 -4.65
N PHE A 879 21.97 4.68 -3.97
CA PHE A 879 21.12 3.71 -4.66
C PHE A 879 20.08 3.21 -3.69
N LEU A 880 19.01 2.67 -4.25
CA LEU A 880 17.92 2.13 -3.46
C LEU A 880 17.76 0.71 -3.98
N CYS A 881 17.36 -0.22 -3.12
CA CYS A 881 17.17 -1.59 -3.58
C CYS A 881 16.14 -2.31 -2.74
N ASP A 882 14.90 -1.82 -2.78
CA ASP A 882 13.81 -2.38 -2.01
C ASP A 882 13.37 -3.79 -2.37
N ARG A 883 12.57 -4.36 -1.47
CA ARG A 883 11.98 -5.69 -1.55
C ARG A 883 12.84 -6.86 -2.01
N THR A 884 14.12 -6.83 -1.71
CA THR A 884 14.99 -7.94 -2.08
C THR A 884 15.81 -8.30 -0.84
N LEU A 885 16.64 -9.33 -0.96
CA LEU A 885 17.50 -9.73 0.14
C LEU A 885 18.92 -9.80 -0.38
N TRP A 886 19.87 -9.26 0.39
CA TRP A 886 21.27 -9.32 0.00
C TRP A 886 21.64 -10.79 0.09
N ARG A 887 22.35 -11.29 -0.91
CA ARG A 887 22.74 -12.69 -0.92
C ARG A 887 24.23 -12.93 -1.06
N ILE A 888 24.70 -13.95 -0.34
CA ILE A 888 26.09 -14.37 -0.38
C ILE A 888 26.02 -15.88 -0.40
N PRO A 889 26.04 -16.47 -1.61
CA PRO A 889 25.98 -17.92 -1.73
C PRO A 889 27.25 -18.64 -1.31
N PHE A 890 27.12 -19.76 -0.61
CA PHE A 890 28.28 -20.53 -0.17
C PHE A 890 28.69 -21.43 -1.34
N SER A 891 29.16 -20.79 -2.41
CA SER A 891 29.58 -21.46 -3.63
C SER A 891 30.97 -20.95 -3.97
N SER A 892 31.88 -21.85 -4.36
CA SER A 892 33.26 -21.49 -4.67
C SER A 892 33.42 -20.37 -5.68
N ASN A 893 32.41 -20.17 -6.52
CA ASN A 893 32.49 -19.11 -7.52
C ASN A 893 31.25 -18.23 -7.47
N PHE A 894 30.50 -18.35 -6.37
CA PHE A 894 29.28 -17.58 -6.13
C PHE A 894 28.13 -17.94 -7.08
N MET A 895 28.38 -18.84 -8.02
CA MET A 895 27.36 -19.24 -8.97
C MET A 895 26.42 -20.32 -8.46
N SER A 896 25.25 -20.41 -9.08
CA SER A 896 24.28 -21.44 -8.72
C SER A 896 24.54 -22.63 -9.64
N MET A 897 25.06 -23.70 -9.08
CA MET A 897 25.36 -24.89 -9.87
C MET A 897 24.65 -26.08 -9.28
N GLY A 898 23.73 -25.81 -8.35
CA GLY A 898 22.97 -26.87 -7.70
C GLY A 898 22.56 -26.45 -6.30
N ALA A 899 21.42 -26.94 -5.82
CA ALA A 899 20.94 -26.61 -4.48
C ALA A 899 21.99 -26.95 -3.45
N LEU A 900 22.50 -28.18 -3.50
CA LEU A 900 23.55 -28.61 -2.59
C LEU A 900 24.82 -28.05 -3.21
N THR A 901 25.29 -26.94 -2.65
CA THR A 901 26.48 -26.24 -3.17
C THR A 901 27.75 -27.09 -3.12
N ASP A 902 28.74 -26.68 -3.90
CA ASP A 902 29.99 -27.41 -3.93
C ASP A 902 30.75 -27.28 -2.60
N LEU A 903 30.73 -26.08 -2.00
CA LEU A 903 31.42 -25.87 -0.73
C LEU A 903 30.66 -26.60 0.37
N GLY A 904 29.35 -26.71 0.21
CA GLY A 904 28.54 -27.39 1.20
C GLY A 904 28.86 -28.88 1.24
N GLN A 905 29.55 -29.37 0.20
CA GLN A 905 29.93 -30.78 0.13
C GLN A 905 31.41 -31.00 0.46
N ASN A 906 32.14 -29.93 0.69
CA ASN A 906 33.56 -30.04 1.00
C ASN A 906 33.85 -30.75 2.32
N LEU A 907 34.70 -31.77 2.27
CA LEU A 907 35.06 -32.55 3.45
C LEU A 907 35.50 -31.67 4.62
N LEU A 908 36.03 -30.49 4.29
CA LEU A 908 36.48 -29.54 5.31
C LEU A 908 35.32 -29.10 6.21
N TYR A 909 34.12 -29.06 5.66
CA TYR A 909 32.94 -28.63 6.43
C TYR A 909 32.08 -29.83 6.83
N ALA A 910 32.57 -31.03 6.57
CA ALA A 910 31.82 -32.23 6.90
C ALA A 910 32.44 -33.03 8.06
N ASN A 911 33.74 -33.28 7.99
CA ASN A 911 34.44 -34.07 9.00
C ASN A 911 34.77 -33.33 10.29
N SER A 912 34.46 -32.04 10.36
CA SER A 912 34.76 -31.27 11.56
C SER A 912 33.92 -30.01 11.70
N ALA A 913 33.71 -29.58 12.94
CA ALA A 913 32.92 -28.39 13.25
C ALA A 913 33.74 -27.11 13.17
N HIS A 914 33.05 -25.97 13.05
CA HIS A 914 33.71 -24.67 12.96
C HIS A 914 32.83 -23.62 13.59
N ALA A 915 33.45 -22.56 14.09
CA ALA A 915 32.72 -21.45 14.69
C ALA A 915 32.65 -20.39 13.59
N LEU A 916 31.64 -19.53 13.63
CA LEU A 916 31.53 -18.50 12.62
C LEU A 916 31.36 -17.11 13.22
N ASP A 917 32.09 -16.15 12.68
CA ASP A 917 31.98 -14.78 13.13
C ASP A 917 31.63 -13.90 11.96
N MET A 918 30.63 -13.04 12.13
CA MET A 918 30.23 -12.12 11.09
C MET A 918 30.18 -10.74 11.68
N THR A 919 30.65 -9.76 10.91
CA THR A 919 30.63 -8.38 11.36
C THR A 919 29.99 -7.53 10.29
N PHE A 920 28.93 -6.83 10.66
CA PHE A 920 28.23 -5.97 9.71
C PHE A 920 28.42 -4.52 10.11
N GLU A 921 28.74 -3.70 9.12
CA GLU A 921 28.89 -2.27 9.34
C GLU A 921 27.68 -1.70 8.59
N VAL A 922 26.90 -0.85 9.27
CA VAL A 922 25.71 -0.28 8.65
C VAL A 922 25.61 1.21 8.93
N ASP A 923 24.78 1.91 8.17
CA ASP A 923 24.57 3.34 8.39
C ASP A 923 23.78 3.44 9.68
N PRO A 924 24.10 4.44 10.51
CA PRO A 924 23.36 4.59 11.77
C PRO A 924 21.93 5.10 11.59
N MET A 925 21.03 4.64 12.44
CA MET A 925 19.63 5.08 12.39
C MET A 925 19.26 5.46 13.81
N ASP A 926 18.61 6.61 13.97
CA ASP A 926 18.22 7.06 15.29
C ASP A 926 17.02 6.35 15.89
N GLU A 927 17.02 5.02 15.82
CA GLU A 927 15.94 4.21 16.37
C GLU A 927 16.37 2.75 16.35
N PRO A 928 15.83 1.95 17.27
CA PRO A 928 16.21 0.52 17.31
C PRO A 928 15.88 -0.18 16.01
N THR A 929 16.79 -1.02 15.54
CA THR A 929 16.56 -1.77 14.32
C THR A 929 17.00 -3.20 14.56
N LEU A 930 16.84 -4.05 13.55
CA LEU A 930 17.20 -5.45 13.69
C LEU A 930 17.94 -5.94 12.46
N LEU A 931 18.97 -6.75 12.67
CA LEU A 931 19.71 -7.34 11.56
C LEU A 931 19.02 -8.68 11.35
N TYR A 932 18.48 -8.90 10.17
CA TYR A 932 17.77 -10.14 9.87
C TYR A 932 18.67 -11.00 9.00
N VAL A 933 19.25 -12.03 9.59
CA VAL A 933 20.14 -12.91 8.86
C VAL A 933 19.47 -14.24 8.57
N LEU A 934 19.46 -14.61 7.31
CA LEU A 934 18.87 -15.85 6.86
C LEU A 934 20.01 -16.83 6.59
N PHE A 935 20.11 -17.88 7.40
CA PHE A 935 21.14 -18.89 7.16
C PHE A 935 20.45 -19.91 6.27
N GLU A 936 20.86 -19.96 5.00
CA GLU A 936 20.26 -20.89 4.04
C GLU A 936 20.71 -22.33 4.24
N VAL A 937 19.72 -23.20 4.40
CA VAL A 937 19.98 -24.61 4.64
C VAL A 937 18.94 -25.45 3.93
N PHE A 938 18.83 -26.71 4.31
CA PHE A 938 17.82 -27.59 3.73
C PHE A 938 16.79 -27.81 4.84
N ASP A 939 15.54 -27.54 4.54
CA ASP A 939 14.45 -27.70 5.50
C ASP A 939 13.50 -28.70 4.85
N VAL A 940 13.76 -29.98 5.08
CA VAL A 940 12.98 -31.03 4.44
C VAL A 940 12.13 -31.89 5.38
N VAL A 941 11.21 -32.64 4.77
CA VAL A 941 10.33 -33.57 5.47
C VAL A 941 10.01 -34.75 4.56
N ARG A 942 9.93 -35.94 5.13
CA ARG A 942 9.56 -37.10 4.33
C ARG A 942 8.31 -37.62 5.04
N VAL A 943 7.23 -37.79 4.29
CA VAL A 943 5.97 -38.27 4.87
C VAL A 943 5.68 -39.72 4.52
N HIS A 944 5.25 -40.49 5.52
CA HIS A 944 4.95 -41.91 5.35
C HIS A 944 3.53 -42.20 5.84
N GLN A 945 2.74 -42.84 4.97
CA GLN A 945 1.35 -43.20 5.28
C GLN A 945 1.21 -44.70 5.08
N PRO A 946 1.75 -45.49 6.02
CA PRO A 946 1.73 -46.96 5.99
C PRO A 946 0.36 -47.64 6.09
N HIS A 947 -0.54 -47.07 6.88
CA HIS A 947 -1.86 -47.66 7.01
C HIS A 947 -2.93 -46.59 7.07
N ARG A 948 -4.17 -46.98 6.78
CA ARG A 948 -5.29 -46.05 6.80
C ARG A 948 -5.25 -45.29 8.12
N GLY A 949 -5.38 -43.98 8.04
CA GLY A 949 -5.38 -43.16 9.24
C GLY A 949 -4.03 -42.99 9.93
N VAL A 950 -2.94 -43.30 9.24
CA VAL A 950 -1.62 -43.14 9.83
C VAL A 950 -0.69 -42.24 9.01
N ILE A 951 -0.06 -41.28 9.68
CA ILE A 951 0.87 -40.37 9.04
C ILE A 951 2.11 -40.23 9.92
N GLU A 952 3.25 -40.62 9.38
CA GLU A 952 4.52 -40.52 10.10
C GLU A 952 5.38 -39.55 9.31
N THR A 953 6.05 -38.63 10.00
CA THR A 953 6.90 -37.69 9.31
C THR A 953 8.29 -37.69 9.90
N VAL A 954 9.28 -37.53 9.03
CA VAL A 954 10.67 -37.45 9.47
C VAL A 954 11.11 -36.06 9.02
N TYR A 955 11.47 -35.21 9.96
CA TYR A 955 11.91 -33.86 9.60
C TYR A 955 13.42 -33.79 9.70
N LEU A 956 14.02 -33.04 8.79
CA LEU A 956 15.45 -32.86 8.82
C LEU A 956 15.78 -31.47 8.32
N ARG A 957 16.60 -30.78 9.10
CA ARG A 957 17.02 -29.44 8.74
C ARG A 957 18.52 -29.39 8.99
N THR A 958 19.30 -29.21 7.93
CA THR A 958 20.75 -29.15 8.09
C THR A 958 21.40 -28.19 7.10
N PRO A 959 22.40 -27.43 7.56
CA PRO A 959 22.86 -27.48 8.95
C PRO A 959 21.83 -26.83 9.87
N PHE A 960 22.21 -26.59 11.13
CA PHE A 960 21.30 -25.99 12.11
C PHE A 960 20.10 -26.91 12.35
N SER A 961 20.39 -28.15 12.74
CA SER A 961 19.34 -29.13 13.01
C SER A 961 18.53 -28.78 14.25
N ALA A 962 17.25 -29.14 14.25
CA ALA A 962 16.38 -28.84 15.39
C ALA A 962 16.93 -29.42 16.68
C1 CIT B . 20.93 30.88 -19.65
O1 CIT B . 22.07 31.38 -19.34
O2 CIT B . 20.24 30.29 -18.76
C2 CIT B . 20.38 31.00 -21.07
C3 CIT B . 21.25 31.73 -22.18
O7 CIT B . 21.71 33.04 -21.83
C4 CIT B . 20.43 31.75 -23.53
C5 CIT B . 19.11 32.52 -23.40
O3 CIT B . 18.14 32.20 -24.14
O4 CIT B . 18.98 33.48 -22.58
C6 CIT B . 22.47 30.91 -22.61
O5 CIT B . 23.28 31.35 -23.46
O6 CIT B . 22.60 29.75 -22.16
C1 CIT C . 8.44 3.76 9.08
O1 CIT C . 9.15 2.79 9.48
O2 CIT C . 8.66 4.27 7.94
C2 CIT C . 7.30 4.34 9.95
C3 CIT C . 7.03 3.69 11.39
O7 CIT C . 6.85 2.28 11.40
C4 CIT C . 5.78 4.45 12.03
C5 CIT C . 4.50 4.23 11.20
O3 CIT C . 4.26 4.93 10.17
O4 CIT C . 3.64 3.37 11.56
C6 CIT C . 8.14 4.05 12.39
O5 CIT C . 8.10 3.60 13.57
O6 CIT C . 9.06 4.83 12.05
C1 CIT D . 1.16 -21.92 -3.93
O1 CIT D . 1.95 -22.09 -2.95
O2 CIT D . 1.11 -20.80 -4.52
C2 CIT D . 0.28 -23.06 -4.43
C3 CIT D . 0.34 -24.47 -3.68
O7 CIT D . 1.65 -25.01 -3.53
C4 CIT D . -0.63 -25.45 -4.45
C5 CIT D . -0.17 -25.66 -5.90
O3 CIT D . 0.81 -26.42 -6.16
O4 CIT D . -0.77 -25.08 -6.84
C6 CIT D . -0.33 -24.42 -2.30
O5 CIT D . -0.34 -25.44 -1.57
O6 CIT D . -0.93 -23.38 -1.94
C1 CIT E . -14.45 43.30 -10.90
O1 CIT E . -15.52 43.92 -10.76
O2 CIT E . -14.01 43.10 -12.08
C2 CIT E . -13.58 42.91 -9.65
C3 CIT E . -14.25 43.15 -8.19
O7 CIT E . -14.72 44.44 -7.91
C4 CIT E . -13.33 42.75 -6.95
C5 CIT E . -12.03 43.52 -6.73
O3 CIT E . -11.74 44.55 -7.36
O4 CIT E . -11.18 43.05 -5.94
C6 CIT E . -15.35 42.20 -8.01
O5 CIT E . -16.03 42.19 -6.99
O6 CIT E . -15.52 41.36 -8.90
C1 CIT F . -27.63 44.40 -16.34
O1 CIT F . -28.26 43.59 -17.10
O2 CIT F . -28.24 45.34 -15.75
C2 CIT F . -26.12 44.21 -16.09
C3 CIT F . -25.37 43.02 -16.83
O7 CIT F . -25.98 41.74 -16.64
C4 CIT F . -23.86 43.01 -16.40
C5 CIT F . -23.72 42.76 -14.89
O3 CIT F . -23.92 41.60 -14.42
O4 CIT F . -23.41 43.70 -14.11
C6 CIT F . -25.26 43.27 -18.33
O5 CIT F . -24.74 42.40 -19.08
O6 CIT F . -25.61 44.38 -18.81
#